data_7REP
#
_entry.id   7REP
#
_cell.length_a   102.700
_cell.length_b   102.700
_cell.length_c   255.010
_cell.angle_alpha   90.000
_cell.angle_beta   90.000
_cell.angle_gamma   90.000
#
_symmetry.space_group_name_H-M   'P 43 21 2'
#
loop_
_entity.id
_entity.type
_entity.pdbx_description
1 polymer 'Penicillin G acylase'
2 non-polymer 'CALCIUM ION'
3 non-polymer 'phenylmethanesulfonic acid'
4 water water
#
_entity_poly.entity_id   1
_entity_poly.type   'polypeptide(L)'
_entity_poly.pdbx_seq_one_letter_code
;SNMWVIGKNKAQDAKAIMVNGPQFGWYVPAYTYGIGLHGAGYDVTGNTPFAYPGIVFGHNGTISWGSTAGGGDDVDIFAE
KLSAEKPGYYQHNGEWVKMLSRKETIAVKDGQPETFTVWRTLHGNVIWTDTATQTAYAKARAWDGKEVASLLAWTHQMKA
KNWPEWTQQAAKQALTINWYYADVNGNIGYVHTGAYPDRQPGHDPRLPVPGTGKWDWKGLLSFDLNPKVYNPQSGYIANW
NNSPQKDYPASDSFPFLWGGADRVTEIDTILDKQPRFTADQAWDVIRQTSRRDLNLRLFLPALKDATANLAENDPRRQLV
DKLASWDGENLVNDDGKTYQQPGSAILDAWLTSMLKRTVVAAVPAPFGKWYSASGYETTPDGPTGSLNISVGAKILYEAL
QGDKSPIPQAVDLFGGKPQQEVILAALDDAWQTLSKRYGNDVDSWKTPAMALTWRANNFFGVPQAAAKEARPQAEYQNRG
TENDMIVFSPTSGNRPVLAWDVVAPGQSGFIAPDGKKDKHYDDQLKMYESFGRKSLWLTPQDVDEHQESQEVLQVQLDQG
EVKIVRDEYGMPHIYADDTYRLFYGYGYVVAQDRLFQMEMARRSTQGTVSEVLGKAFVSFDKDIRQNYWPDSIRAQIASL
SAEDKSILQGYADGMNAWIDKVNASPDKLLPQQFSTFGFKPKHWEPFDVAMIFVGTMANRWSDSTSEIDNLALLTALKDK
YGKQQGMAVFNQLKWLVNPSAPTTIAARESAYPLKFDLQNTQTAHHHHHH
;
_entity_poly.pdbx_strand_id   A
#
# COMPACT_ATOMS: atom_id res chain seq x y z
N SER A 1 2.56 2.71 -4.48
CA SER A 1 2.77 3.97 -3.77
C SER A 1 4.13 4.55 -4.12
N ASN A 2 4.19 5.83 -4.56
CA ASN A 2 5.48 6.40 -4.90
C ASN A 2 5.78 7.67 -4.07
N MET A 3 7.06 8.09 -4.07
CA MET A 3 7.56 9.22 -3.31
C MET A 3 8.88 9.68 -3.92
N TRP A 4 9.07 11.00 -3.98
CA TRP A 4 10.35 11.54 -4.37
C TRP A 4 10.62 12.73 -3.50
N VAL A 5 11.74 12.70 -2.78
CA VAL A 5 12.11 13.81 -1.90
C VAL A 5 13.37 14.41 -2.49
N ILE A 6 13.34 15.68 -2.80
CA ILE A 6 14.46 16.37 -3.44
C ILE A 6 15.06 17.39 -2.47
N GLY A 7 16.35 17.23 -2.15
CA GLY A 7 17.02 18.12 -1.21
C GLY A 7 17.67 19.35 -1.78
N LYS A 8 18.31 20.14 -0.91
CA LYS A 8 19.01 21.39 -1.22
C LYS A 8 19.76 21.41 -2.54
N ASN A 9 20.64 20.41 -2.75
CA ASN A 9 21.50 20.28 -3.93
C ASN A 9 20.77 19.97 -5.24
N LYS A 10 19.53 19.50 -5.16
CA LYS A 10 18.78 19.13 -6.35
C LYS A 10 17.51 19.98 -6.55
N ALA A 11 17.15 20.83 -5.58
CA ALA A 11 15.95 21.65 -5.68
C ALA A 11 16.26 23.02 -6.27
N GLN A 12 15.34 23.52 -7.10
CA GLN A 12 15.46 24.80 -7.78
C GLN A 12 14.41 25.78 -7.23
N ASP A 13 14.86 26.96 -6.77
CA ASP A 13 14.02 28.00 -6.18
C ASP A 13 13.39 27.60 -4.84
N ALA A 14 14.01 26.62 -4.13
CA ALA A 14 13.54 26.11 -2.84
C ALA A 14 14.67 25.29 -2.15
N LYS A 15 14.52 25.01 -0.84
CA LYS A 15 15.49 24.22 -0.11
C LYS A 15 15.18 22.71 -0.13
N ALA A 16 13.90 22.31 -0.16
CA ALA A 16 13.52 20.90 -0.26
C ALA A 16 12.11 20.72 -0.84
N ILE A 17 11.90 19.67 -1.66
CA ILE A 17 10.57 19.38 -2.21
C ILE A 17 10.21 17.91 -1.95
N MET A 18 9.01 17.67 -1.43
CA MET A 18 8.54 16.33 -1.13
C MET A 18 7.31 16.05 -1.95
N VAL A 19 7.30 14.97 -2.76
CA VAL A 19 6.10 14.64 -3.54
C VAL A 19 5.66 13.20 -3.24
N ASN A 20 4.46 13.01 -2.72
CA ASN A 20 3.97 11.70 -2.32
C ASN A 20 2.73 11.27 -3.11
N GLY A 21 2.73 10.03 -3.58
CA GLY A 21 1.58 9.48 -4.29
C GLY A 21 1.26 8.09 -3.81
N PRO A 22 0.65 7.96 -2.62
CA PRO A 22 0.33 6.62 -2.11
C PRO A 22 -0.80 5.96 -2.92
N GLN A 23 -0.61 4.70 -3.30
CA GLN A 23 -1.57 3.97 -4.12
C GLN A 23 -2.39 2.96 -3.33
N PHE A 24 -3.62 3.30 -3.09
CA PHE A 24 -4.57 2.50 -2.33
C PHE A 24 -5.78 2.06 -3.15
N GLY A 25 -5.89 2.49 -4.41
CA GLY A 25 -7.09 2.25 -5.20
C GLY A 25 -7.94 3.51 -5.26
N TRP A 26 -9.09 3.45 -5.92
CA TRP A 26 -9.91 4.65 -6.14
C TRP A 26 -11.31 4.43 -5.66
N TYR A 27 -11.75 5.32 -4.74
CA TYR A 27 -13.01 5.13 -4.04
C TYR A 27 -13.77 6.39 -3.83
N VAL A 28 -15.03 6.25 -3.59
CA VAL A 28 -15.93 7.32 -3.24
C VAL A 28 -16.69 6.87 -1.97
N PRO A 29 -16.61 7.66 -0.89
CA PRO A 29 -15.80 8.89 -0.71
C PRO A 29 -14.30 8.58 -0.73
N ALA A 30 -13.48 9.63 -0.81
CA ALA A 30 -12.03 9.55 -0.84
C ALA A 30 -11.45 8.63 0.22
N TYR A 31 -10.38 7.91 -0.13
CA TYR A 31 -9.71 7.05 0.80
C TYR A 31 -9.11 7.88 1.97
N THR A 32 -8.53 9.08 1.65
CA THR A 32 -7.90 9.91 2.66
C THR A 32 -8.84 11.08 3.08
N TYR A 33 -8.48 11.76 4.19
CA TYR A 33 -9.31 12.80 4.79
C TYR A 33 -8.42 14.00 5.11
N GLY A 34 -8.80 15.19 4.62
CA GLY A 34 -7.99 16.38 4.87
C GLY A 34 -8.27 16.95 6.24
N ILE A 35 -7.23 17.27 7.00
CA ILE A 35 -7.44 17.78 8.37
C ILE A 35 -6.30 18.68 8.84
N GLY A 36 -6.66 19.74 9.57
CA GLY A 36 -5.67 20.60 10.20
C GLY A 36 -5.85 20.55 11.71
N LEU A 37 -4.76 20.37 12.48
CA LEU A 37 -4.85 20.32 13.95
C LEU A 37 -3.96 21.42 14.57
N HIS A 38 -4.53 22.29 15.42
CA HIS A 38 -3.75 23.39 16.02
C HIS A 38 -4.08 23.54 17.51
N GLY A 39 -3.08 23.25 18.33
CA GLY A 39 -3.17 23.26 19.79
C GLY A 39 -2.55 22.03 20.41
N ALA A 40 -2.32 22.05 21.73
CA ALA A 40 -1.72 20.94 22.48
C ALA A 40 -0.36 20.49 21.96
N GLY A 41 0.42 21.42 21.42
CA GLY A 41 1.72 21.07 20.85
C GLY A 41 1.65 20.72 19.35
N TYR A 42 0.45 20.56 18.82
CA TYR A 42 0.25 20.22 17.41
C TYR A 42 -0.05 21.49 16.60
N ASP A 43 0.46 21.56 15.38
CA ASP A 43 0.19 22.64 14.41
C ASP A 43 0.52 21.95 13.09
N VAL A 44 -0.45 21.23 12.55
CA VAL A 44 -0.20 20.36 11.42
C VAL A 44 -1.27 20.45 10.36
N THR A 45 -0.87 20.22 9.10
CA THR A 45 -1.83 20.20 8.01
C THR A 45 -1.50 19.06 7.05
N GLY A 46 -2.55 18.49 6.47
CA GLY A 46 -2.36 17.40 5.51
C GLY A 46 -3.58 16.53 5.37
N ASN A 47 -3.36 15.30 4.89
CA ASN A 47 -4.47 14.35 4.74
C ASN A 47 -4.00 12.95 5.15
N THR A 48 -4.95 12.09 5.47
CA THR A 48 -4.60 10.78 6.04
C THR A 48 -5.66 9.73 5.76
N PRO A 49 -5.25 8.46 5.56
CA PRO A 49 -6.24 7.40 5.27
C PRO A 49 -7.26 7.19 6.37
N PHE A 50 -8.54 7.01 6.04
CA PHE A 50 -9.57 6.70 7.03
C PHE A 50 -9.59 7.64 8.25
N ALA A 51 -9.18 8.88 8.06
CA ALA A 51 -9.17 9.90 9.12
C ALA A 51 -8.45 9.44 10.40
N TYR A 52 -7.27 8.77 10.31
CA TYR A 52 -6.57 8.33 11.52
C TYR A 52 -6.22 9.53 12.39
N PRO A 53 -6.15 9.37 13.73
CA PRO A 53 -5.68 10.49 14.59
C PRO A 53 -4.30 10.99 14.14
N GLY A 54 -3.47 10.11 13.59
CA GLY A 54 -2.17 10.46 13.04
C GLY A 54 -2.29 10.80 11.56
N ILE A 55 -1.72 11.94 11.13
CA ILE A 55 -1.78 12.40 9.74
C ILE A 55 -0.56 11.87 8.99
N VAL A 56 -0.80 10.91 8.10
CA VAL A 56 0.25 10.22 7.39
C VAL A 56 0.91 11.10 6.31
N PHE A 57 0.14 11.99 5.69
CA PHE A 57 0.70 12.84 4.62
C PHE A 57 0.56 14.31 5.02
N GLY A 58 1.66 14.95 5.40
CA GLY A 58 1.59 16.34 5.84
C GLY A 58 2.85 17.02 6.33
N HIS A 59 2.64 18.18 6.94
CA HIS A 59 3.76 18.97 7.44
C HIS A 59 3.36 19.83 8.64
N ASN A 60 4.36 20.29 9.39
CA ASN A 60 4.10 21.14 10.54
C ASN A 60 4.79 22.51 10.49
N GLY A 61 5.18 22.94 9.30
CA GLY A 61 5.85 24.24 9.14
C GLY A 61 7.36 24.15 9.27
N THR A 62 7.85 23.09 9.89
CA THR A 62 9.29 22.93 10.09
C THR A 62 9.77 21.68 9.36
N ILE A 63 9.00 20.60 9.47
CA ILE A 63 9.29 19.34 8.78
C ILE A 63 8.04 18.86 8.03
N SER A 64 8.26 18.09 6.99
CA SER A 64 7.19 17.44 6.24
C SER A 64 7.50 15.94 6.25
N TRP A 65 6.46 15.13 6.14
CA TRP A 65 6.64 13.67 6.15
C TRP A 65 5.68 12.98 5.17
N GLY A 66 5.97 11.73 4.89
CA GLY A 66 5.10 10.90 4.08
C GLY A 66 5.49 9.44 4.18
N SER A 67 4.70 8.57 3.52
CA SER A 67 5.07 7.16 3.53
C SER A 67 4.58 6.36 2.30
N THR A 68 5.21 5.19 2.11
CA THR A 68 4.90 4.11 1.16
C THR A 68 5.03 2.79 1.96
N ALA A 69 4.41 1.69 1.49
CA ALA A 69 4.50 0.40 2.21
C ALA A 69 5.90 -0.11 2.12
N GLY A 70 6.41 -0.62 3.24
CA GLY A 70 7.79 -1.06 3.36
C GLY A 70 8.15 -2.31 2.59
N GLY A 71 7.26 -3.28 2.57
CA GLY A 71 7.50 -4.52 1.84
C GLY A 71 8.54 -5.47 2.43
N GLY A 72 8.88 -5.29 3.71
CA GLY A 72 9.84 -6.16 4.36
C GLY A 72 9.22 -7.44 4.89
N ASP A 73 10.06 -8.36 5.43
CA ASP A 73 9.55 -9.61 5.98
C ASP A 73 9.43 -9.53 7.50
N ASP A 74 8.26 -9.17 7.95
CA ASP A 74 7.97 -9.07 9.38
C ASP A 74 6.93 -10.11 9.82
N VAL A 75 6.64 -11.14 8.99
CA VAL A 75 5.68 -12.18 9.31
C VAL A 75 6.29 -13.56 9.03
N ASP A 76 6.28 -14.44 10.05
CA ASP A 76 6.77 -15.79 9.89
C ASP A 76 5.69 -16.76 10.29
N ILE A 77 5.71 -17.97 9.73
CA ILE A 77 4.68 -18.96 10.03
C ILE A 77 5.31 -20.04 10.88
N PHE A 78 4.66 -20.36 12.00
CA PHE A 78 5.14 -21.39 12.88
C PHE A 78 4.25 -22.61 12.75
N ALA A 79 4.84 -23.71 12.30
CA ALA A 79 4.12 -24.97 12.15
C ALA A 79 4.06 -25.63 13.53
N GLU A 80 2.92 -25.52 14.19
CA GLU A 80 2.75 -26.10 15.51
C GLU A 80 2.42 -27.59 15.47
N LYS A 81 3.16 -28.38 16.26
CA LYS A 81 2.99 -29.84 16.40
C LYS A 81 1.79 -30.11 17.29
N LEU A 82 0.72 -30.66 16.71
CA LEU A 82 -0.51 -30.95 17.44
C LEU A 82 -0.49 -32.32 18.15
N SER A 83 -1.42 -32.51 19.10
CA SER A 83 -1.52 -33.76 19.84
C SER A 83 -2.68 -34.57 19.31
N ALA A 84 -2.49 -35.89 19.23
CA ALA A 84 -3.55 -36.75 18.73
C ALA A 84 -4.65 -36.87 19.80
N GLU A 85 -4.27 -37.09 21.05
CA GLU A 85 -5.24 -37.24 22.13
C GLU A 85 -5.71 -35.93 22.77
N LYS A 86 -4.90 -34.84 22.72
CA LYS A 86 -5.20 -33.54 23.37
C LYS A 86 -5.71 -32.46 22.40
N PRO A 87 -7.04 -32.32 22.24
CA PRO A 87 -7.55 -31.28 21.34
C PRO A 87 -7.38 -29.90 21.95
N GLY A 88 -6.70 -29.02 21.22
CA GLY A 88 -6.45 -27.66 21.69
C GLY A 88 -5.11 -27.48 22.36
N TYR A 89 -4.18 -28.42 22.15
CA TYR A 89 -2.86 -28.35 22.74
C TYR A 89 -1.80 -28.51 21.66
N TYR A 90 -0.65 -27.92 21.89
CA TYR A 90 0.48 -27.98 20.97
C TYR A 90 1.77 -28.16 21.75
N GLN A 91 2.82 -28.66 21.08
CA GLN A 91 4.09 -28.91 21.74
C GLN A 91 5.07 -27.77 21.67
N HIS A 92 5.46 -27.25 22.84
CA HIS A 92 6.46 -26.20 22.93
C HIS A 92 7.39 -26.51 24.09
N ASN A 93 8.69 -26.63 23.81
CA ASN A 93 9.73 -26.96 24.77
C ASN A 93 9.39 -28.20 25.65
N GLY A 94 9.21 -29.33 24.98
CA GLY A 94 8.91 -30.60 25.65
C GLY A 94 7.57 -30.73 26.34
N GLU A 95 6.79 -29.64 26.44
CA GLU A 95 5.50 -29.69 27.12
C GLU A 95 4.30 -29.51 26.20
N TRP A 96 3.09 -29.82 26.69
CA TRP A 96 1.88 -29.64 25.92
C TRP A 96 1.11 -28.39 26.38
N VAL A 97 1.43 -27.26 25.75
CA VAL A 97 0.83 -25.96 26.07
C VAL A 97 -0.58 -25.87 25.54
N LYS A 98 -1.52 -25.31 26.31
CA LYS A 98 -2.89 -25.15 25.83
C LYS A 98 -3.00 -23.89 24.96
N MET A 99 -3.88 -23.95 23.96
CA MET A 99 -4.12 -22.83 23.08
C MET A 99 -5.15 -21.91 23.69
N LEU A 100 -5.04 -20.62 23.38
CA LEU A 100 -6.07 -19.68 23.74
C LEU A 100 -7.15 -19.86 22.69
N SER A 101 -8.39 -19.65 23.08
CA SER A 101 -9.52 -19.78 22.18
C SER A 101 -10.56 -18.78 22.51
N ARG A 102 -11.37 -18.41 21.53
CA ARG A 102 -12.48 -17.51 21.76
C ARG A 102 -13.60 -17.86 20.82
N LYS A 103 -14.84 -17.82 21.29
CA LYS A 103 -15.99 -18.16 20.46
C LYS A 103 -16.64 -16.91 19.90
N GLU A 104 -16.92 -16.91 18.58
CA GLU A 104 -17.54 -15.76 17.93
C GLU A 104 -18.79 -16.15 17.22
N THR A 105 -19.76 -15.27 17.25
CA THR A 105 -20.99 -15.48 16.53
C THR A 105 -21.20 -14.28 15.61
N ILE A 106 -21.33 -14.53 14.32
CA ILE A 106 -21.60 -13.48 13.37
C ILE A 106 -23.11 -13.38 13.26
N ALA A 107 -23.70 -12.26 13.70
CA ALA A 107 -25.15 -12.06 13.55
C ALA A 107 -25.36 -11.70 12.07
N VAL A 108 -26.40 -12.23 11.49
CA VAL A 108 -26.69 -12.03 10.07
C VAL A 108 -28.04 -11.42 9.85
N LYS A 109 -28.10 -10.20 9.29
CA LYS A 109 -29.36 -9.54 8.96
C LYS A 109 -30.20 -10.44 8.03
N ASP A 110 -31.44 -10.74 8.43
CA ASP A 110 -32.39 -11.63 7.75
C ASP A 110 -31.82 -13.03 7.42
N GLY A 111 -30.82 -13.46 8.17
CA GLY A 111 -30.20 -14.76 7.97
C GLY A 111 -30.01 -15.53 9.26
N GLN A 112 -29.15 -16.54 9.20
CA GLN A 112 -28.85 -17.43 10.30
C GLN A 112 -27.49 -17.09 10.84
N PRO A 113 -27.33 -16.96 12.17
CA PRO A 113 -26.00 -16.69 12.73
C PRO A 113 -24.99 -17.78 12.41
N GLU A 114 -23.71 -17.44 12.47
CA GLU A 114 -22.64 -18.37 12.16
C GLU A 114 -21.62 -18.36 13.32
N THR A 115 -21.45 -19.50 14.01
CA THR A 115 -20.55 -19.59 15.14
C THR A 115 -19.27 -20.31 14.78
N PHE A 116 -18.15 -19.90 15.38
CA PHE A 116 -16.82 -20.47 15.14
C PHE A 116 -15.88 -20.12 16.31
N THR A 117 -14.68 -20.69 16.33
CA THR A 117 -13.70 -20.45 17.39
C THR A 117 -12.40 -20.04 16.77
N VAL A 118 -11.75 -19.04 17.38
CA VAL A 118 -10.46 -18.58 16.89
C VAL A 118 -9.44 -19.11 17.84
N TRP A 119 -8.36 -19.70 17.31
CA TRP A 119 -7.29 -20.28 18.09
C TRP A 119 -6.04 -19.43 18.04
N ARG A 120 -5.32 -19.38 19.16
CA ARG A 120 -4.11 -18.60 19.26
C ARG A 120 -3.09 -19.34 20.09
N THR A 121 -1.84 -19.31 19.67
CA THR A 121 -0.71 -19.92 20.37
C THR A 121 0.30 -18.78 20.74
N LEU A 122 1.39 -19.11 21.45
CA LEU A 122 2.44 -18.14 21.76
C LEU A 122 3.07 -17.51 20.49
N HIS A 123 2.79 -18.09 19.30
CA HIS A 123 3.34 -17.55 18.07
C HIS A 123 2.34 -16.60 17.40
N GLY A 124 1.05 -16.88 17.48
CA GLY A 124 0.03 -16.02 16.92
C GLY A 124 -1.28 -16.76 16.67
N ASN A 125 -2.22 -16.13 15.95
CA ASN A 125 -3.46 -16.82 15.61
C ASN A 125 -3.18 -17.99 14.66
N VAL A 126 -3.99 -19.05 14.76
CA VAL A 126 -3.85 -20.20 13.89
C VAL A 126 -4.58 -19.85 12.60
N ILE A 127 -3.87 -19.87 11.48
CA ILE A 127 -4.46 -19.54 10.17
C ILE A 127 -4.92 -20.77 9.38
N TRP A 128 -4.29 -21.93 9.63
CA TRP A 128 -4.62 -23.15 8.90
C TRP A 128 -4.24 -24.41 9.68
N THR A 129 -5.05 -25.47 9.58
CA THR A 129 -4.75 -26.74 10.24
C THR A 129 -4.73 -27.90 9.23
N ASP A 130 -3.55 -28.55 9.08
CA ASP A 130 -3.39 -29.71 8.21
C ASP A 130 -3.47 -30.98 9.08
N THR A 131 -4.58 -31.71 9.00
CA THR A 131 -4.79 -32.90 9.82
C THR A 131 -3.80 -34.02 9.48
N ALA A 132 -3.49 -34.21 8.19
CA ALA A 132 -2.56 -35.26 7.74
C ALA A 132 -1.21 -35.24 8.46
N THR A 133 -0.62 -34.05 8.65
CA THR A 133 0.67 -33.90 9.34
C THR A 133 0.54 -33.53 10.84
N GLN A 134 -0.72 -33.36 11.34
CA GLN A 134 -1.03 -32.93 12.70
C GLN A 134 -0.34 -31.59 12.99
N THR A 135 -0.62 -30.60 12.11
CA THR A 135 0.00 -29.29 12.19
C THR A 135 -1.02 -28.16 12.21
N ALA A 136 -0.79 -27.20 13.08
CA ALA A 136 -1.61 -26.00 13.12
C ALA A 136 -0.62 -24.89 12.78
N TYR A 137 -0.83 -24.20 11.67
CA TYR A 137 0.05 -23.13 11.23
C TYR A 137 -0.36 -21.81 11.92
N ALA A 138 0.59 -21.18 12.61
CA ALA A 138 0.30 -19.94 13.37
C ALA A 138 1.03 -18.77 12.78
N LYS A 139 0.35 -17.63 12.64
CA LYS A 139 0.96 -16.44 12.03
C LYS A 139 1.62 -15.48 13.03
N ALA A 140 2.94 -15.43 12.99
CA ALA A 140 3.71 -14.58 13.89
C ALA A 140 4.10 -13.26 13.25
N ARG A 141 3.55 -12.16 13.74
CA ARG A 141 3.91 -10.83 13.24
C ARG A 141 4.86 -10.20 14.23
N ALA A 142 6.01 -9.69 13.80
CA ALA A 142 6.94 -9.02 14.71
C ALA A 142 6.32 -7.78 15.40
N TRP A 143 5.24 -7.22 14.82
CA TRP A 143 4.54 -6.07 15.34
C TRP A 143 3.35 -6.42 16.24
N ASP A 144 3.10 -7.71 16.53
CA ASP A 144 2.00 -8.09 17.42
C ASP A 144 2.27 -7.48 18.82
N GLY A 145 1.26 -6.85 19.38
CA GLY A 145 1.40 -6.15 20.65
C GLY A 145 1.88 -4.69 20.53
N LYS A 146 2.12 -4.23 19.28
CA LYS A 146 2.57 -2.86 19.02
C LYS A 146 1.66 -2.08 18.05
N GLU A 147 0.42 -2.56 17.84
CA GLU A 147 -0.53 -1.93 16.95
C GLU A 147 -0.88 -0.52 17.39
N VAL A 148 -1.33 -0.37 18.65
CA VAL A 148 -1.72 0.93 19.16
C VAL A 148 -0.51 1.87 19.24
N ALA A 149 0.67 1.35 19.66
CA ALA A 149 1.91 2.14 19.69
C ALA A 149 2.29 2.68 18.30
N SER A 150 2.02 1.90 17.24
CA SER A 150 2.35 2.33 15.89
C SER A 150 1.45 3.49 15.47
N LEU A 151 0.17 3.47 15.85
CA LEU A 151 -0.74 4.57 15.59
C LEU A 151 -0.25 5.84 16.33
N LEU A 152 0.13 5.71 17.62
CA LEU A 152 0.59 6.83 18.43
C LEU A 152 1.95 7.35 18.00
N ALA A 153 2.80 6.51 17.41
CA ALA A 153 4.08 7.00 16.88
C ALA A 153 3.81 7.89 15.65
N TRP A 154 2.74 7.58 14.86
CA TRP A 154 2.35 8.37 13.68
C TRP A 154 1.74 9.69 14.11
N THR A 155 1.06 9.70 15.27
CA THR A 155 0.48 10.91 15.83
C THR A 155 1.59 11.82 16.45
N HIS A 156 2.52 11.27 17.25
CA HIS A 156 3.57 12.05 17.89
C HIS A 156 4.60 12.58 16.95
N GLN A 157 4.89 11.84 15.83
CA GLN A 157 5.83 12.33 14.83
C GLN A 157 5.34 13.65 14.18
N MET A 158 4.04 13.98 14.30
CA MET A 158 3.52 15.25 13.81
C MET A 158 4.11 16.47 14.56
N LYS A 159 4.61 16.26 15.79
CA LYS A 159 5.22 17.33 16.59
C LYS A 159 6.74 17.38 16.48
N ALA A 160 7.39 16.44 15.78
CA ALA A 160 8.84 16.49 15.64
C ALA A 160 9.32 17.71 14.86
N LYS A 161 10.49 18.25 15.23
CA LYS A 161 11.02 19.45 14.59
C LYS A 161 12.41 19.30 14.00
N ASN A 162 12.96 18.10 14.02
CA ASN A 162 14.27 17.82 13.44
C ASN A 162 14.43 16.31 13.24
N TRP A 163 15.52 15.90 12.61
CA TRP A 163 15.78 14.50 12.34
C TRP A 163 15.84 13.63 13.60
N PRO A 164 16.63 13.96 14.65
CA PRO A 164 16.65 13.08 15.85
C PRO A 164 15.30 12.92 16.53
N GLU A 165 14.50 13.99 16.58
CA GLU A 165 13.18 13.92 17.22
C GLU A 165 12.24 13.02 16.40
N TRP A 166 12.33 13.12 15.06
CA TRP A 166 11.47 12.36 14.15
C TRP A 166 11.85 10.88 14.13
N THR A 167 13.15 10.57 14.08
CA THR A 167 13.60 9.18 14.10
C THR A 167 13.31 8.47 15.42
N GLN A 168 13.11 9.23 16.51
CA GLN A 168 12.74 8.69 17.81
C GLN A 168 11.30 8.14 17.75
N GLN A 169 10.41 8.77 16.97
CA GLN A 169 9.06 8.27 16.76
C GLN A 169 9.06 7.15 15.68
N ALA A 170 9.92 7.28 14.68
CA ALA A 170 10.10 6.28 13.63
C ALA A 170 10.51 4.93 14.23
N ALA A 171 11.26 4.95 15.36
CA ALA A 171 11.68 3.72 16.04
C ALA A 171 10.54 3.01 16.79
N LYS A 172 9.44 3.71 17.07
CA LYS A 172 8.25 3.16 17.76
C LYS A 172 7.12 2.76 16.77
N GLN A 173 7.37 2.85 15.45
CA GLN A 173 6.39 2.48 14.45
C GLN A 173 6.80 1.03 14.07
N ALA A 174 6.03 0.04 14.52
CA ALA A 174 6.36 -1.37 14.34
C ALA A 174 5.95 -2.00 12.99
N LEU A 175 5.03 -1.38 12.24
CA LEU A 175 4.62 -1.93 10.92
C LEU A 175 5.68 -1.72 9.83
N THR A 176 5.72 -2.59 8.80
CA THR A 176 6.73 -2.46 7.76
C THR A 176 6.31 -1.33 6.81
N ILE A 177 6.75 -0.10 7.12
CA ILE A 177 6.39 1.12 6.40
C ILE A 177 7.62 2.00 6.14
N ASN A 178 7.72 2.55 4.93
CA ASN A 178 8.80 3.46 4.60
C ASN A 178 8.33 4.84 5.04
N TRP A 179 9.17 5.56 5.78
CA TRP A 179 8.84 6.90 6.25
C TRP A 179 9.82 7.89 5.61
N TYR A 180 9.33 9.06 5.23
CA TYR A 180 10.18 10.06 4.57
C TYR A 180 10.14 11.37 5.29
N TYR A 181 11.27 12.08 5.25
CA TYR A 181 11.42 13.35 5.95
C TYR A 181 12.02 14.45 5.06
N ALA A 182 11.56 15.67 5.26
CA ALA A 182 12.12 16.86 4.63
C ALA A 182 11.96 18.04 5.63
N ASP A 183 12.87 19.03 5.60
CA ASP A 183 12.73 20.17 6.52
C ASP A 183 13.07 21.52 5.85
N VAL A 184 12.70 22.61 6.55
CA VAL A 184 12.88 24.01 6.19
C VAL A 184 14.34 24.36 5.86
N ASN A 185 15.30 23.63 6.42
CA ASN A 185 16.70 23.84 6.11
C ASN A 185 17.23 23.04 4.93
N GLY A 186 16.35 22.35 4.20
CA GLY A 186 16.75 21.57 3.04
C GLY A 186 17.23 20.16 3.31
N ASN A 187 17.14 19.72 4.57
CA ASN A 187 17.54 18.35 4.91
C ASN A 187 16.46 17.37 4.51
N ILE A 188 16.87 16.23 3.95
CA ILE A 188 15.99 15.14 3.53
C ILE A 188 16.44 13.85 4.19
N GLY A 189 15.50 12.96 4.47
CA GLY A 189 15.80 11.70 5.11
C GLY A 189 14.79 10.60 4.86
N TYR A 190 15.20 9.37 5.16
CA TYR A 190 14.37 8.20 4.90
C TYR A 190 14.66 7.13 5.92
N VAL A 191 13.61 6.48 6.44
CA VAL A 191 13.73 5.35 7.35
C VAL A 191 12.76 4.25 6.92
N HIS A 192 13.26 3.05 6.71
CA HIS A 192 12.41 1.91 6.43
C HIS A 192 12.06 1.43 7.84
N THR A 193 10.93 1.91 8.39
CA THR A 193 10.50 1.63 9.76
C THR A 193 9.94 0.22 9.95
N GLY A 194 9.81 -0.20 11.21
CA GLY A 194 9.23 -1.47 11.56
C GLY A 194 10.02 -2.29 12.53
N ALA A 195 9.33 -3.24 13.12
CA ALA A 195 9.83 -4.28 14.00
C ALA A 195 10.10 -5.49 13.11
N TYR A 196 11.33 -5.99 13.13
CA TYR A 196 11.73 -7.15 12.35
C TYR A 196 12.32 -8.18 13.29
N PRO A 197 12.02 -9.46 13.09
CA PRO A 197 12.52 -10.49 14.00
C PRO A 197 13.99 -10.80 13.86
N ASP A 198 14.61 -11.13 15.00
CA ASP A 198 15.98 -11.57 15.13
C ASP A 198 15.81 -13.08 15.10
N ARG A 199 16.14 -13.68 13.97
CA ARG A 199 15.89 -15.09 13.75
C ARG A 199 17.08 -15.96 14.05
N GLN A 200 16.82 -17.23 14.41
CA GLN A 200 17.84 -18.27 14.64
C GLN A 200 18.67 -18.43 13.37
N PRO A 201 19.95 -18.83 13.48
CA PRO A 201 20.75 -19.05 12.27
C PRO A 201 20.15 -20.18 11.43
N GLY A 202 20.19 -20.02 10.12
CA GLY A 202 19.59 -21.02 9.23
C GLY A 202 18.07 -20.95 9.19
N HIS A 203 17.46 -19.84 9.67
CA HIS A 203 16.01 -19.68 9.58
C HIS A 203 15.80 -19.06 8.19
N ASP A 204 15.22 -19.82 7.26
CA ASP A 204 14.90 -19.31 5.93
C ASP A 204 13.59 -18.59 6.12
N PRO A 205 13.57 -17.26 6.00
CA PRO A 205 12.33 -16.50 6.27
C PRO A 205 11.22 -16.65 5.21
N ARG A 206 11.50 -17.35 4.10
CA ARG A 206 10.52 -17.62 3.04
C ARG A 206 9.67 -18.85 3.28
N LEU A 207 10.04 -19.71 4.25
CA LEU A 207 9.31 -20.96 4.49
C LEU A 207 8.94 -21.12 5.95
N PRO A 208 7.89 -21.90 6.27
CA PRO A 208 7.52 -22.08 7.67
C PRO A 208 8.62 -22.71 8.52
N VAL A 209 8.55 -22.47 9.85
CA VAL A 209 9.49 -23.03 10.82
C VAL A 209 8.70 -23.84 11.84
N PRO A 210 9.25 -24.96 12.32
CA PRO A 210 8.55 -25.72 13.39
C PRO A 210 8.41 -24.86 14.63
N GLY A 211 7.24 -24.89 15.24
CA GLY A 211 6.97 -24.08 16.41
C GLY A 211 7.21 -24.77 17.74
N THR A 212 8.00 -25.85 17.73
CA THR A 212 8.29 -26.62 18.93
C THR A 212 9.24 -25.97 19.92
N GLY A 213 9.92 -24.90 19.52
CA GLY A 213 10.80 -24.18 20.42
C GLY A 213 12.17 -23.85 19.86
N LYS A 214 12.77 -24.80 19.14
CA LYS A 214 14.12 -24.62 18.57
C LYS A 214 14.21 -23.49 17.52
N TRP A 215 13.06 -23.06 16.97
CA TRP A 215 13.08 -22.02 15.94
C TRP A 215 12.42 -20.73 16.34
N ASP A 216 12.05 -20.56 17.63
CA ASP A 216 11.46 -19.32 18.10
C ASP A 216 12.43 -18.16 17.89
N TRP A 217 11.91 -16.97 17.60
CA TRP A 217 12.77 -15.80 17.36
C TRP A 217 13.58 -15.48 18.61
N LYS A 218 14.84 -15.07 18.44
CA LYS A 218 15.66 -14.61 19.57
C LYS A 218 15.14 -13.24 20.12
N GLY A 219 14.03 -12.71 19.58
CA GLY A 219 13.46 -11.41 19.90
C GLY A 219 13.41 -10.53 18.65
N LEU A 220 13.52 -9.20 18.81
CA LEU A 220 13.49 -8.28 17.67
C LEU A 220 14.84 -7.63 17.39
N LEU A 221 15.11 -7.30 16.13
CA LEU A 221 16.35 -6.62 15.77
C LEU A 221 16.27 -5.15 16.27
N SER A 222 17.43 -4.50 16.48
CA SER A 222 17.42 -3.11 16.94
C SER A 222 17.11 -2.12 15.80
N PHE A 223 16.67 -0.91 16.16
CA PHE A 223 16.40 0.14 15.18
C PHE A 223 17.65 0.53 14.38
N ASP A 224 18.85 0.26 14.91
CA ASP A 224 20.10 0.56 14.22
C ASP A 224 20.23 -0.24 12.91
N LEU A 225 19.58 -1.41 12.82
CA LEU A 225 19.63 -2.25 11.62
C LEU A 225 18.67 -1.74 10.50
N ASN A 226 17.56 -1.06 10.88
CA ASN A 226 16.59 -0.52 9.92
C ASN A 226 17.25 0.38 8.91
N PRO A 227 17.04 0.12 7.60
CA PRO A 227 17.68 0.96 6.58
C PRO A 227 17.30 2.42 6.73
N LYS A 228 18.29 3.30 6.68
CA LYS A 228 18.03 4.72 6.84
C LYS A 228 19.09 5.58 6.18
N VAL A 229 18.70 6.76 5.73
CA VAL A 229 19.62 7.68 5.08
C VAL A 229 19.22 9.10 5.40
N TYR A 230 20.21 9.98 5.60
CA TYR A 230 19.99 11.39 5.88
C TYR A 230 20.90 12.15 4.96
N ASN A 231 20.33 13.03 4.16
CA ASN A 231 21.03 13.83 3.15
C ASN A 231 21.93 12.97 2.27
N PRO A 232 21.35 12.05 1.47
CA PRO A 232 22.18 11.20 0.60
C PRO A 232 22.97 12.02 -0.40
N GLN A 233 24.17 11.54 -0.79
CA GLN A 233 25.06 12.19 -1.76
C GLN A 233 24.32 12.55 -3.05
N SER A 234 23.35 11.71 -3.45
CA SER A 234 22.53 11.88 -4.65
C SER A 234 21.62 13.11 -4.61
N GLY A 235 21.26 13.57 -3.42
CA GLY A 235 20.40 14.74 -3.27
C GLY A 235 18.93 14.44 -3.44
N TYR A 236 18.56 13.15 -3.47
CA TYR A 236 17.17 12.75 -3.60
C TYR A 236 16.91 11.36 -3.03
N ILE A 237 15.66 11.13 -2.63
CA ILE A 237 15.20 9.84 -2.12
C ILE A 237 14.00 9.45 -2.97
N ALA A 238 14.09 8.36 -3.75
CA ALA A 238 12.95 7.94 -4.58
C ALA A 238 12.50 6.54 -4.24
N ASN A 239 11.17 6.31 -4.20
CA ASN A 239 10.64 4.97 -3.93
C ASN A 239 9.33 4.67 -4.70
N TRP A 240 9.16 3.44 -5.13
CA TRP A 240 7.92 2.99 -5.74
C TRP A 240 7.76 1.52 -5.39
N ASN A 241 7.78 1.24 -4.06
CA ASN A 241 7.71 -0.08 -3.43
C ASN A 241 8.91 -0.94 -3.77
N ASN A 242 10.04 -0.32 -4.07
CA ASN A 242 11.28 -1.03 -4.33
C ASN A 242 12.04 -1.26 -3.02
N SER A 243 13.18 -1.93 -3.16
CA SER A 243 14.08 -2.29 -2.07
C SER A 243 14.65 -1.04 -1.38
N PRO A 244 14.59 -1.01 -0.04
CA PRO A 244 15.18 0.12 0.71
C PRO A 244 16.69 0.24 0.55
N GLN A 245 17.42 -0.88 0.50
CA GLN A 245 18.91 -0.85 0.40
C GLN A 245 19.50 -2.20 -0.01
N LYS A 246 20.76 -2.20 -0.52
CA LYS A 246 21.43 -3.41 -0.96
C LYS A 246 21.44 -4.52 0.08
N ASP A 247 21.14 -5.76 -0.33
CA ASP A 247 21.11 -6.94 0.53
C ASP A 247 19.97 -6.96 1.54
N TYR A 248 19.03 -6.00 1.49
CA TYR A 248 17.89 -6.01 2.42
C TYR A 248 16.81 -6.96 1.86
N PRO A 249 16.32 -7.91 2.67
CA PRO A 249 15.35 -8.88 2.14
C PRO A 249 13.87 -8.44 2.13
N ALA A 250 13.19 -8.81 1.04
CA ALA A 250 11.79 -8.53 0.82
C ALA A 250 10.92 -9.48 1.62
N SER A 251 9.63 -9.16 1.73
CA SER A 251 8.54 -9.98 2.24
C SER A 251 8.62 -11.38 1.58
N ASP A 252 8.16 -12.41 2.26
CA ASP A 252 8.23 -13.76 1.71
C ASP A 252 7.10 -14.04 0.66
N SER A 253 6.18 -13.08 0.38
CA SER A 253 5.11 -13.31 -0.61
C SER A 253 5.68 -13.63 -1.98
N PHE A 254 5.27 -14.78 -2.57
CA PHE A 254 5.84 -15.19 -3.88
C PHE A 254 5.62 -14.15 -5.01
N PRO A 255 4.49 -13.38 -5.11
CA PRO A 255 4.40 -12.37 -6.18
C PRO A 255 5.27 -11.13 -5.97
N PHE A 256 5.86 -10.95 -4.78
CA PHE A 256 6.60 -9.76 -4.41
C PHE A 256 8.11 -9.96 -4.55
N LEU A 257 8.74 -9.25 -5.49
CA LEU A 257 10.18 -9.39 -5.72
C LEU A 257 10.84 -8.05 -5.88
N TRP A 258 12.14 -7.98 -5.54
CA TRP A 258 12.94 -6.77 -5.71
C TRP A 258 14.14 -7.24 -6.51
N GLY A 259 14.09 -7.08 -7.83
CA GLY A 259 15.14 -7.56 -8.70
C GLY A 259 15.64 -6.49 -9.64
N GLY A 260 16.41 -6.90 -10.64
CA GLY A 260 16.95 -5.99 -11.64
C GLY A 260 15.89 -5.16 -12.34
N ALA A 261 14.71 -5.75 -12.57
CA ALA A 261 13.55 -5.08 -13.16
C ALA A 261 12.69 -4.46 -12.04
N ASP A 262 12.65 -3.12 -11.96
CA ASP A 262 11.89 -2.43 -10.94
C ASP A 262 11.33 -1.12 -11.47
N ARG A 263 10.04 -0.84 -11.20
CA ARG A 263 9.41 0.38 -11.69
C ARG A 263 9.98 1.65 -11.09
N VAL A 264 10.72 1.58 -9.95
CA VAL A 264 11.34 2.80 -9.38
C VAL A 264 12.33 3.42 -10.32
N THR A 265 12.98 2.60 -11.21
CA THR A 265 13.91 3.10 -12.21
C THR A 265 13.27 4.19 -13.08
N GLU A 266 11.94 4.12 -13.27
CA GLU A 266 11.22 5.15 -14.02
C GLU A 266 11.32 6.52 -13.38
N ILE A 267 11.39 6.56 -12.04
CA ILE A 267 11.52 7.81 -11.30
C ILE A 267 12.98 8.21 -11.30
N ASP A 268 13.89 7.27 -11.00
CA ASP A 268 15.33 7.51 -11.03
C ASP A 268 15.78 8.12 -12.37
N THR A 269 15.28 7.59 -13.49
CA THR A 269 15.56 8.11 -14.83
C THR A 269 15.23 9.60 -14.94
N ILE A 270 14.00 9.97 -14.58
CA ILE A 270 13.56 11.35 -14.63
C ILE A 270 14.38 12.25 -13.72
N LEU A 271 14.69 11.79 -12.49
CA LEU A 271 15.44 12.58 -11.54
C LEU A 271 16.92 12.75 -11.93
N ASP A 272 17.53 11.74 -12.55
CA ASP A 272 18.91 11.83 -12.98
C ASP A 272 19.11 12.65 -14.27
N LYS A 273 18.10 12.70 -15.17
CA LYS A 273 18.20 13.41 -16.45
C LYS A 273 18.50 14.91 -16.31
N GLN A 274 18.00 15.57 -15.24
CA GLN A 274 18.27 16.99 -15.06
C GLN A 274 18.82 17.25 -13.65
N PRO A 275 19.67 18.27 -13.49
CA PRO A 275 20.31 18.50 -12.18
C PRO A 275 19.43 19.13 -11.10
N ARG A 276 18.53 20.04 -11.48
CA ARG A 276 17.68 20.69 -10.49
C ARG A 276 16.21 20.71 -10.89
N PHE A 277 15.30 20.56 -9.91
CA PHE A 277 13.86 20.55 -10.17
C PHE A 277 13.15 21.66 -9.43
N THR A 278 12.26 22.37 -10.09
CA THR A 278 11.41 23.35 -9.42
C THR A 278 10.19 22.57 -8.86
N ALA A 279 9.35 23.24 -8.04
CA ALA A 279 8.15 22.65 -7.50
C ALA A 279 7.23 22.13 -8.60
N ASP A 280 7.03 22.94 -9.68
CA ASP A 280 6.17 22.56 -10.79
C ASP A 280 6.70 21.35 -11.56
N GLN A 281 8.03 21.25 -11.71
CA GLN A 281 8.65 20.12 -12.40
C GLN A 281 8.60 18.86 -11.56
N ALA A 282 8.80 18.98 -10.24
CA ALA A 282 8.72 17.84 -9.32
C ALA A 282 7.30 17.27 -9.34
N TRP A 283 6.29 18.14 -9.36
CA TRP A 283 4.89 17.74 -9.44
C TRP A 283 4.57 17.06 -10.77
N ASP A 284 5.18 17.53 -11.86
CA ASP A 284 5.00 17.00 -13.20
C ASP A 284 5.52 15.55 -13.35
N VAL A 285 6.42 15.10 -12.46
CA VAL A 285 6.85 13.70 -12.44
C VAL A 285 5.65 12.74 -12.26
N ILE A 286 4.55 13.21 -11.60
CA ILE A 286 3.33 12.44 -11.44
C ILE A 286 2.75 12.17 -12.83
N ARG A 287 2.58 13.21 -13.66
CA ARG A 287 2.00 13.07 -15.00
C ARG A 287 2.79 12.07 -15.83
N GLN A 288 4.13 12.21 -15.82
CA GLN A 288 5.04 11.37 -16.56
C GLN A 288 5.02 9.91 -16.15
N THR A 289 5.15 9.61 -14.85
CA THR A 289 5.14 8.23 -14.38
C THR A 289 3.75 7.59 -14.50
N SER A 290 2.67 8.39 -14.38
CA SER A 290 1.30 7.89 -14.48
CA SER A 290 1.32 7.85 -14.47
C SER A 290 0.98 7.28 -15.85
N ARG A 291 1.63 7.79 -16.91
CA ARG A 291 1.38 7.33 -18.27
C ARG A 291 2.47 6.41 -18.82
N ARG A 292 3.45 6.05 -18.00
CA ARG A 292 4.58 5.26 -18.44
C ARG A 292 4.30 3.78 -18.57
N ASP A 293 4.64 3.19 -19.74
CA ASP A 293 4.57 1.75 -19.89
C ASP A 293 5.82 1.24 -19.15
N LEU A 294 5.65 0.31 -18.24
CA LEU A 294 6.76 -0.14 -17.40
C LEU A 294 7.58 -1.28 -18.00
N ASN A 295 7.11 -1.88 -19.11
CA ASN A 295 7.82 -3.00 -19.73
C ASN A 295 8.63 -2.64 -20.94
N LEU A 296 8.35 -1.50 -21.60
CA LEU A 296 9.09 -1.12 -22.81
C LEU A 296 10.61 -1.09 -22.60
N ARG A 297 11.06 -0.37 -21.54
CA ARG A 297 12.45 -0.19 -21.17
C ARG A 297 13.15 -1.54 -20.91
N LEU A 298 12.42 -2.52 -20.37
CA LEU A 298 12.97 -3.81 -20.03
C LEU A 298 13.20 -4.76 -21.20
N PHE A 299 12.25 -4.83 -22.13
CA PHE A 299 12.27 -5.84 -23.16
C PHE A 299 12.58 -5.35 -24.56
N LEU A 300 12.56 -4.03 -24.82
CA LEU A 300 12.87 -3.52 -26.15
C LEU A 300 14.27 -3.94 -26.64
N PRO A 301 15.33 -3.88 -25.79
CA PRO A 301 16.66 -4.34 -26.26
C PRO A 301 16.63 -5.79 -26.74
N ALA A 302 15.97 -6.72 -25.99
CA ALA A 302 15.90 -8.12 -26.44
C ALA A 302 15.05 -8.30 -27.70
N LEU A 303 14.00 -7.47 -27.88
CA LEU A 303 13.13 -7.57 -29.03
C LEU A 303 13.84 -7.09 -30.29
N LYS A 304 14.58 -5.98 -30.21
CA LYS A 304 15.32 -5.44 -31.35
C LYS A 304 16.39 -6.46 -31.78
N ASP A 305 17.05 -7.13 -30.80
CA ASP A 305 18.06 -8.13 -31.07
C ASP A 305 17.46 -9.32 -31.77
N ALA A 306 16.30 -9.80 -31.29
CA ALA A 306 15.67 -10.96 -31.91
C ALA A 306 15.17 -10.71 -33.35
N THR A 307 14.84 -9.47 -33.69
CA THR A 307 14.33 -9.14 -35.03
C THR A 307 15.34 -8.39 -35.91
N ALA A 308 16.60 -8.30 -35.49
CA ALA A 308 17.63 -7.56 -36.20
C ALA A 308 17.86 -8.04 -37.65
N ASN A 309 17.73 -9.34 -37.90
CA ASN A 309 17.93 -9.87 -39.26
C ASN A 309 16.63 -9.94 -40.08
N LEU A 310 15.54 -9.32 -39.61
CA LEU A 310 14.28 -9.35 -40.34
C LEU A 310 14.09 -8.08 -41.13
N ALA A 311 13.54 -8.22 -42.34
CA ALA A 311 13.24 -7.04 -43.17
C ALA A 311 11.87 -6.43 -42.76
N GLU A 312 11.59 -5.17 -43.15
CA GLU A 312 10.34 -4.51 -42.79
C GLU A 312 9.05 -5.25 -43.26
N ASN A 313 9.15 -6.16 -44.26
CA ASN A 313 8.01 -6.94 -44.74
C ASN A 313 7.56 -8.03 -43.77
N ASP A 314 8.36 -8.36 -42.74
CA ASP A 314 8.03 -9.39 -41.76
C ASP A 314 7.15 -8.75 -40.65
N PRO A 315 5.98 -9.36 -40.32
CA PRO A 315 5.10 -8.77 -39.32
C PRO A 315 5.68 -8.67 -37.91
N ARG A 316 6.51 -9.66 -37.50
CA ARG A 316 7.25 -9.64 -36.23
C ARG A 316 8.17 -8.42 -36.16
N ARG A 317 8.78 -8.06 -37.30
CA ARG A 317 9.65 -6.89 -37.37
C ARG A 317 8.82 -5.59 -37.29
N GLN A 318 7.65 -5.58 -37.92
CA GLN A 318 6.79 -4.40 -37.93
C GLN A 318 6.35 -4.06 -36.50
N LEU A 319 6.08 -5.11 -35.68
CA LEU A 319 5.71 -4.93 -34.28
C LEU A 319 6.87 -4.26 -33.50
N VAL A 320 8.10 -4.80 -33.61
CA VAL A 320 9.23 -4.22 -32.87
C VAL A 320 9.56 -2.84 -33.37
N ASP A 321 9.39 -2.57 -34.68
CA ASP A 321 9.62 -1.22 -35.20
C ASP A 321 8.62 -0.20 -34.59
N LYS A 322 7.38 -0.66 -34.35
CA LYS A 322 6.35 0.20 -33.77
C LYS A 322 6.77 0.55 -32.32
N LEU A 323 7.29 -0.43 -31.56
CA LEU A 323 7.80 -0.25 -30.18
C LEU A 323 9.04 0.64 -30.14
N ALA A 324 9.92 0.50 -31.15
CA ALA A 324 11.17 1.25 -31.27
C ALA A 324 10.98 2.71 -31.59
N SER A 325 9.84 3.09 -32.15
CA SER A 325 9.56 4.50 -32.45
C SER A 325 8.67 5.18 -31.36
N TRP A 326 8.28 4.43 -30.33
CA TRP A 326 7.40 4.89 -29.29
C TRP A 326 8.18 5.49 -28.13
N ASP A 327 7.63 6.53 -27.52
CA ASP A 327 8.26 7.16 -26.36
C ASP A 327 7.94 6.46 -25.02
N GLY A 328 7.04 5.48 -25.02
CA GLY A 328 6.66 4.78 -23.80
C GLY A 328 5.54 5.43 -23.01
N GLU A 329 5.09 6.62 -23.40
CA GLU A 329 3.99 7.32 -22.73
C GLU A 329 2.69 6.94 -23.38
N ASN A 330 1.67 6.58 -22.59
CA ASN A 330 0.35 6.27 -23.13
C ASN A 330 -0.53 7.49 -23.08
N LEU A 331 -1.12 7.83 -24.21
CA LEU A 331 -2.06 8.95 -24.29
C LEU A 331 -3.35 8.43 -24.87
N VAL A 332 -4.47 8.96 -24.39
CA VAL A 332 -5.78 8.53 -24.88
C VAL A 332 -6.12 9.38 -26.12
N ASN A 333 -6.83 8.79 -27.07
CA ASN A 333 -7.30 9.50 -28.26
C ASN A 333 -8.51 10.38 -27.86
N ASP A 334 -8.90 11.30 -28.76
CA ASP A 334 -10.02 12.20 -28.57
C ASP A 334 -11.33 11.48 -28.27
N ASP A 335 -11.46 10.22 -28.69
CA ASP A 335 -12.64 9.39 -28.41
C ASP A 335 -12.80 9.04 -26.93
N GLY A 336 -11.72 9.12 -26.15
CA GLY A 336 -11.72 8.78 -24.73
C GLY A 336 -11.74 7.29 -24.44
N LYS A 337 -11.57 6.47 -25.48
CA LYS A 337 -11.67 5.02 -25.33
C LYS A 337 -10.45 4.25 -25.79
N THR A 338 -9.58 4.86 -26.59
CA THR A 338 -8.42 4.15 -27.13
C THR A 338 -7.10 4.86 -26.91
N TYR A 339 -5.97 4.11 -26.92
CA TYR A 339 -4.66 4.72 -26.80
C TYR A 339 -4.17 5.20 -28.18
N GLN A 340 -3.34 6.24 -28.23
CA GLN A 340 -2.78 6.74 -29.48
C GLN A 340 -1.83 5.75 -30.11
N GLN A 341 -1.11 4.97 -29.28
CA GLN A 341 -0.17 3.98 -29.75
C GLN A 341 -0.51 2.59 -29.26
N PRO A 342 -0.25 1.56 -30.08
CA PRO A 342 -0.61 0.20 -29.66
C PRO A 342 0.42 -0.55 -28.82
N GLY A 343 1.51 0.09 -28.46
CA GLY A 343 2.62 -0.55 -27.72
C GLY A 343 2.32 -1.39 -26.50
N SER A 344 1.41 -0.93 -25.59
CA SER A 344 1.12 -1.71 -24.38
C SER A 344 0.40 -3.00 -24.70
N ALA A 345 -0.52 -2.98 -25.69
CA ALA A 345 -1.22 -4.19 -26.14
C ALA A 345 -0.24 -5.18 -26.79
N ILE A 346 0.77 -4.66 -27.50
CA ILE A 346 1.80 -5.50 -28.12
C ILE A 346 2.62 -6.15 -27.01
N LEU A 347 3.10 -5.36 -26.04
CA LEU A 347 3.86 -5.91 -24.91
C LEU A 347 3.06 -6.90 -24.09
N ASP A 348 1.77 -6.62 -23.88
CA ASP A 348 0.88 -7.52 -23.16
C ASP A 348 0.79 -8.90 -23.85
N ALA A 349 0.48 -8.91 -25.15
CA ALA A 349 0.35 -10.16 -25.90
C ALA A 349 1.69 -10.90 -25.99
N TRP A 350 2.79 -10.16 -26.22
CA TRP A 350 4.11 -10.80 -26.27
C TRP A 350 4.52 -11.42 -24.93
N LEU A 351 4.37 -10.66 -23.81
CA LEU A 351 4.70 -11.13 -22.46
C LEU A 351 3.87 -12.31 -22.08
N THR A 352 2.57 -12.31 -22.38
CA THR A 352 1.70 -13.45 -22.06
C THR A 352 2.20 -14.74 -22.72
N SER A 353 2.59 -14.64 -24.00
CA SER A 353 3.08 -15.80 -24.71
C SER A 353 4.47 -16.18 -24.17
N MET A 354 5.35 -15.18 -23.97
CA MET A 354 6.69 -15.40 -23.41
C MET A 354 6.66 -16.14 -22.10
N LEU A 355 5.74 -15.77 -21.19
CA LEU A 355 5.63 -16.40 -19.89
C LEU A 355 5.13 -17.82 -19.97
N LYS A 356 4.23 -18.13 -20.92
CA LYS A 356 3.75 -19.51 -21.12
C LYS A 356 4.91 -20.44 -21.55
N ARG A 357 5.81 -19.91 -22.38
CA ARG A 357 6.93 -20.61 -22.97
C ARG A 357 8.14 -20.71 -22.07
N THR A 358 8.25 -19.84 -21.05
CA THR A 358 9.45 -19.81 -20.24
C THR A 358 9.13 -20.21 -18.77
N VAL A 359 8.79 -19.23 -17.90
CA VAL A 359 8.54 -19.40 -16.47
C VAL A 359 7.41 -20.36 -16.18
N VAL A 360 6.24 -20.21 -16.84
CA VAL A 360 5.12 -21.12 -16.60
C VAL A 360 5.47 -22.57 -16.98
N ALA A 361 6.24 -22.75 -18.07
CA ALA A 361 6.59 -24.12 -18.49
C ALA A 361 7.48 -24.80 -17.44
N ALA A 362 8.49 -24.08 -16.91
CA ALA A 362 9.43 -24.61 -15.92
C ALA A 362 8.80 -24.96 -14.56
N VAL A 363 7.75 -24.24 -14.19
CA VAL A 363 7.08 -24.46 -12.92
C VAL A 363 5.97 -25.47 -13.09
N PRO A 364 5.92 -26.51 -12.25
CA PRO A 364 4.86 -27.51 -12.39
C PRO A 364 3.49 -26.95 -12.01
N ALA A 365 2.44 -27.51 -12.61
CA ALA A 365 1.08 -27.09 -12.27
C ALA A 365 0.73 -27.61 -10.83
N PRO A 366 -0.13 -26.91 -10.09
CA PRO A 366 -0.85 -25.70 -10.46
C PRO A 366 -0.10 -24.42 -10.12
N PHE A 367 1.22 -24.49 -10.00
CA PHE A 367 2.02 -23.33 -9.63
C PHE A 367 2.43 -22.46 -10.81
N GLY A 368 2.30 -22.97 -12.04
CA GLY A 368 2.65 -22.22 -13.24
C GLY A 368 1.83 -20.96 -13.38
N LYS A 369 0.54 -21.07 -13.06
CA LYS A 369 -0.37 -19.93 -13.12
C LYS A 369 0.04 -18.77 -12.20
N TRP A 370 0.94 -19.00 -11.22
CA TRP A 370 1.42 -17.93 -10.37
C TRP A 370 2.30 -16.95 -11.16
N TYR A 371 2.90 -17.39 -12.30
CA TYR A 371 3.79 -16.53 -13.06
C TYR A 371 3.32 -16.24 -14.51
N SER A 372 2.02 -16.38 -14.76
CA SER A 372 1.44 -16.20 -16.08
C SER A 372 1.01 -14.78 -16.42
N ALA A 373 0.76 -13.93 -15.40
CA ALA A 373 0.29 -12.58 -15.65
C ALA A 373 1.34 -11.74 -16.28
N SER A 374 0.96 -10.94 -17.25
CA SER A 374 1.84 -10.00 -17.96
C SER A 374 2.01 -8.67 -17.24
N GLY A 375 1.13 -8.36 -16.30
CA GLY A 375 1.15 -7.07 -15.63
C GLY A 375 0.16 -6.06 -16.23
N TYR A 376 -0.55 -6.46 -17.31
CA TYR A 376 -1.54 -5.59 -17.95
C TYR A 376 -2.96 -5.97 -17.67
N GLU A 377 -3.20 -7.01 -16.90
CA GLU A 377 -4.53 -7.50 -16.53
C GLU A 377 -5.46 -6.36 -16.08
N THR A 378 -6.60 -6.21 -16.78
CA THR A 378 -7.58 -5.17 -16.48
C THR A 378 -8.98 -5.58 -16.97
N THR A 379 -10.00 -4.94 -16.39
CA THR A 379 -11.38 -5.16 -16.83
C THR A 379 -11.90 -3.84 -17.46
N PRO A 380 -13.12 -3.80 -18.02
CA PRO A 380 -13.65 -2.50 -18.50
C PRO A 380 -13.63 -1.41 -17.38
N ASP A 381 -13.74 -1.85 -16.09
CA ASP A 381 -13.68 -0.99 -14.89
C ASP A 381 -12.30 -0.36 -14.64
N GLY A 382 -11.25 -0.98 -15.18
CA GLY A 382 -9.87 -0.53 -15.03
C GLY A 382 -9.16 -1.27 -13.92
N PRO A 383 -7.82 -1.12 -13.84
CA PRO A 383 -7.09 -1.80 -12.75
C PRO A 383 -7.54 -1.28 -11.38
N THR A 384 -7.71 -2.17 -10.38
CA THR A 384 -8.11 -1.73 -9.04
C THR A 384 -6.95 -1.08 -8.23
N GLY A 385 -5.71 -1.28 -8.66
CA GLY A 385 -4.56 -0.72 -7.97
C GLY A 385 -3.56 -0.15 -8.94
N SER A 386 -2.31 -0.16 -8.56
CA SER A 386 -1.24 0.35 -9.42
C SER A 386 -0.93 -0.68 -10.54
N LEU A 387 -0.19 -0.24 -11.54
CA LEU A 387 0.34 -1.13 -12.57
C LEU A 387 1.80 -1.33 -12.18
N ASN A 388 2.27 -2.55 -12.32
CA ASN A 388 3.64 -2.89 -11.97
C ASN A 388 4.18 -3.89 -13.00
N ILE A 389 5.48 -4.18 -12.90
CA ILE A 389 6.12 -5.24 -13.65
C ILE A 389 5.69 -6.52 -12.92
N SER A 390 5.11 -7.48 -13.64
CA SER A 390 4.64 -8.72 -12.99
C SER A 390 5.78 -9.57 -12.45
N VAL A 391 5.46 -10.52 -11.55
CA VAL A 391 6.49 -11.37 -10.97
C VAL A 391 7.15 -12.27 -12.04
N GLY A 392 6.35 -12.75 -12.99
CA GLY A 392 6.85 -13.57 -14.10
C GLY A 392 7.78 -12.76 -14.96
N ALA A 393 7.41 -11.51 -15.28
CA ALA A 393 8.24 -10.63 -16.08
C ALA A 393 9.55 -10.31 -15.38
N LYS A 394 9.53 -10.18 -14.05
CA LYS A 394 10.74 -9.89 -13.29
C LYS A 394 11.72 -11.04 -13.40
N ILE A 395 11.22 -12.28 -13.32
CA ILE A 395 12.03 -13.50 -13.45
C ILE A 395 12.51 -13.71 -14.88
N LEU A 396 11.63 -13.43 -15.87
CA LEU A 396 12.00 -13.48 -17.29
C LEU A 396 13.10 -12.45 -17.57
N TYR A 397 13.03 -11.26 -16.95
CA TYR A 397 14.04 -10.24 -17.16
C TYR A 397 15.39 -10.73 -16.67
N GLU A 398 15.45 -11.47 -15.56
CA GLU A 398 16.73 -11.99 -15.06
C GLU A 398 17.32 -12.98 -16.05
N ALA A 399 16.47 -13.86 -16.59
CA ALA A 399 16.89 -14.85 -17.58
C ALA A 399 17.41 -14.18 -18.85
N LEU A 400 16.75 -13.10 -19.29
CA LEU A 400 17.19 -12.36 -20.47
C LEU A 400 18.52 -11.66 -20.25
N GLN A 401 18.76 -11.18 -19.01
CA GLN A 401 20.04 -10.57 -18.63
C GLN A 401 21.18 -11.62 -18.62
N GLY A 402 20.81 -12.87 -18.32
CA GLY A 402 21.67 -14.05 -18.25
C GLY A 402 22.92 -13.82 -17.44
N ASP A 403 24.02 -13.59 -18.16
CA ASP A 403 25.36 -13.34 -17.65
C ASP A 403 25.37 -12.14 -16.71
N LYS A 404 24.71 -11.04 -17.13
CA LYS A 404 24.61 -9.80 -16.35
C LYS A 404 23.85 -9.97 -15.03
N SER A 405 22.96 -10.97 -14.94
CA SER A 405 22.16 -11.19 -13.74
C SER A 405 22.92 -11.92 -12.64
N PRO A 406 22.76 -11.45 -11.39
CA PRO A 406 23.38 -12.16 -10.26
C PRO A 406 22.57 -13.37 -9.79
N ILE A 407 21.44 -13.69 -10.43
CA ILE A 407 20.63 -14.82 -10.00
C ILE A 407 21.04 -16.04 -10.79
N PRO A 408 21.44 -17.11 -10.11
CA PRO A 408 21.81 -18.35 -10.82
C PRO A 408 20.58 -19.00 -11.46
N GLN A 409 20.64 -19.22 -12.77
CA GLN A 409 19.54 -19.86 -13.49
C GLN A 409 19.63 -21.38 -13.38
N ALA A 410 19.17 -21.92 -12.25
CA ALA A 410 19.20 -23.36 -11.99
C ALA A 410 18.42 -24.20 -13.01
N VAL A 411 17.54 -23.56 -13.77
CA VAL A 411 16.80 -24.18 -14.85
C VAL A 411 16.77 -23.15 -15.98
N ASP A 412 17.12 -23.60 -17.20
CA ASP A 412 17.11 -22.69 -18.35
C ASP A 412 15.66 -22.43 -18.69
N LEU A 413 15.21 -21.20 -18.46
CA LEU A 413 13.83 -20.81 -18.75
C LEU A 413 13.49 -20.97 -20.23
N PHE A 414 14.50 -20.89 -21.11
CA PHE A 414 14.33 -21.07 -22.54
C PHE A 414 14.39 -22.56 -22.99
N GLY A 415 14.39 -23.50 -22.04
CA GLY A 415 14.39 -24.94 -22.26
C GLY A 415 15.34 -25.53 -23.28
N GLY A 416 16.53 -24.96 -23.40
CA GLY A 416 17.52 -25.44 -24.36
C GLY A 416 17.58 -24.59 -25.62
N LYS A 417 16.40 -24.13 -26.06
CA LYS A 417 16.28 -23.31 -27.27
C LYS A 417 16.97 -21.95 -27.06
N PRO A 418 17.59 -21.37 -28.10
CA PRO A 418 18.18 -20.03 -27.93
C PRO A 418 17.06 -19.01 -27.65
N GLN A 419 17.35 -17.96 -26.86
CA GLN A 419 16.30 -17.04 -26.46
C GLN A 419 15.68 -16.26 -27.66
N GLN A 420 16.45 -15.99 -28.73
CA GLN A 420 15.90 -15.31 -29.90
C GLN A 420 14.75 -16.10 -30.53
N GLU A 421 14.82 -17.43 -30.48
CA GLU A 421 13.81 -18.32 -31.02
C GLU A 421 12.49 -18.20 -30.26
N VAL A 422 12.59 -18.12 -28.93
CA VAL A 422 11.41 -18.00 -28.08
C VAL A 422 10.80 -16.60 -28.25
N ILE A 423 11.65 -15.55 -28.33
CA ILE A 423 11.22 -14.19 -28.52
C ILE A 423 10.43 -13.99 -29.85
N LEU A 424 10.86 -14.64 -30.96
CA LEU A 424 10.19 -14.57 -32.25
C LEU A 424 8.91 -15.41 -32.24
N ALA A 425 8.93 -16.55 -31.55
CA ALA A 425 7.75 -17.38 -31.43
C ALA A 425 6.65 -16.61 -30.65
N ALA A 426 6.99 -15.91 -29.54
CA ALA A 426 5.99 -15.12 -28.81
C ALA A 426 5.52 -13.95 -29.66
N LEU A 427 6.40 -13.33 -30.43
CA LEU A 427 6.04 -12.26 -31.33
C LEU A 427 5.03 -12.73 -32.38
N ASP A 428 5.21 -13.97 -32.88
CA ASP A 428 4.27 -14.51 -33.85
C ASP A 428 2.88 -14.75 -33.23
N ASP A 429 2.84 -15.25 -31.99
CA ASP A 429 1.58 -15.44 -31.28
C ASP A 429 0.91 -14.08 -31.04
N ALA A 430 1.70 -13.05 -30.66
CA ALA A 430 1.17 -11.71 -30.46
C ALA A 430 0.59 -11.16 -31.77
N TRP A 431 1.33 -11.35 -32.88
CA TRP A 431 0.86 -10.89 -34.19
C TRP A 431 -0.43 -11.60 -34.58
N GLN A 432 -0.52 -12.90 -34.33
CA GLN A 432 -1.72 -13.66 -34.65
C GLN A 432 -2.94 -13.19 -33.87
N THR A 433 -2.80 -12.96 -32.54
CA THR A 433 -3.93 -12.53 -31.74
C THR A 433 -4.31 -11.11 -32.07
N LEU A 434 -3.34 -10.21 -32.21
CA LEU A 434 -3.66 -8.81 -32.45
C LEU A 434 -4.15 -8.49 -33.90
N SER A 435 -3.62 -9.17 -34.93
CA SER A 435 -4.09 -8.91 -36.30
C SER A 435 -5.51 -9.46 -36.50
N LYS A 436 -5.85 -10.60 -35.87
CA LYS A 436 -7.20 -11.16 -35.93
C LYS A 436 -8.25 -10.13 -35.43
N ARG A 437 -7.87 -9.36 -34.40
CA ARG A 437 -8.67 -8.30 -33.79
C ARG A 437 -8.70 -6.97 -34.55
N TYR A 438 -7.52 -6.39 -34.88
CA TYR A 438 -7.49 -5.05 -35.47
C TYR A 438 -7.10 -4.96 -36.93
N GLY A 439 -6.89 -6.10 -37.58
CA GLY A 439 -6.43 -6.08 -38.96
C GLY A 439 -4.91 -6.16 -39.04
N ASN A 440 -4.39 -6.32 -40.25
CA ASN A 440 -2.97 -6.54 -40.48
C ASN A 440 -2.12 -5.29 -40.54
N ASP A 441 -2.70 -4.09 -40.39
CA ASP A 441 -1.88 -2.87 -40.39
C ASP A 441 -1.74 -2.24 -38.99
N VAL A 442 -0.58 -2.47 -38.34
CA VAL A 442 -0.22 -1.99 -37.02
C VAL A 442 -0.33 -0.46 -36.88
N ASP A 443 -0.12 0.28 -37.97
CA ASP A 443 -0.20 1.74 -37.92
C ASP A 443 -1.63 2.28 -37.77
N SER A 444 -2.65 1.45 -37.96
CA SER A 444 -4.04 1.89 -37.84
C SER A 444 -4.73 1.34 -36.56
N TRP A 445 -4.05 0.51 -35.77
CA TRP A 445 -4.64 -0.07 -34.56
C TRP A 445 -5.00 0.97 -33.51
N LYS A 446 -6.22 0.90 -33.00
CA LYS A 446 -6.66 1.78 -31.92
C LYS A 446 -6.98 0.81 -30.79
N THR A 447 -5.97 0.52 -29.94
CA THR A 447 -6.06 -0.42 -28.82
C THR A 447 -6.80 0.22 -27.64
N PRO A 448 -7.50 -0.56 -26.81
CA PRO A 448 -8.28 0.04 -25.71
C PRO A 448 -7.46 0.73 -24.65
N ALA A 449 -7.94 1.91 -24.23
CA ALA A 449 -7.30 2.62 -23.14
C ALA A 449 -7.72 1.95 -21.83
N MET A 450 -6.86 2.00 -20.81
CA MET A 450 -7.27 1.52 -19.49
C MET A 450 -8.08 2.64 -18.87
N ALA A 451 -9.26 2.30 -18.37
CA ALA A 451 -10.13 3.25 -17.71
C ALA A 451 -9.90 3.17 -16.14
N LEU A 452 -10.55 4.06 -15.37
CA LEU A 452 -10.45 4.12 -13.91
C LEU A 452 -11.86 4.22 -13.32
N THR A 453 -12.13 3.54 -12.20
CA THR A 453 -13.42 3.65 -11.51
C THR A 453 -13.22 4.03 -10.04
N TRP A 454 -13.95 5.04 -9.57
CA TRP A 454 -13.96 5.44 -8.17
C TRP A 454 -15.05 4.54 -7.59
N ARG A 455 -14.63 3.47 -6.96
CA ARG A 455 -15.47 2.42 -6.42
C ARG A 455 -16.32 2.84 -5.21
N ALA A 456 -17.53 2.35 -5.16
CA ALA A 456 -18.44 2.64 -4.06
C ALA A 456 -18.28 1.62 -2.91
N ASN A 457 -17.53 0.51 -3.13
CA ASN A 457 -17.15 -0.47 -2.12
C ASN A 457 -15.72 -0.17 -1.72
N ASN A 458 -15.40 -0.30 -0.42
CA ASN A 458 -14.03 -0.08 0.05
C ASN A 458 -13.12 -1.24 -0.42
N PHE A 459 -11.82 -1.18 -0.11
CA PHE A 459 -10.89 -2.24 -0.53
C PHE A 459 -11.26 -3.63 0.00
N PHE A 460 -12.06 -3.68 1.06
CA PHE A 460 -12.49 -4.95 1.66
C PHE A 460 -13.54 -5.65 0.83
N GLY A 461 -14.26 -4.91 0.00
CA GLY A 461 -15.39 -5.46 -0.76
C GLY A 461 -16.74 -5.18 -0.13
N VAL A 462 -16.76 -4.23 0.83
CA VAL A 462 -17.92 -3.80 1.60
C VAL A 462 -18.34 -2.42 1.15
N PRO A 463 -19.65 -2.19 0.98
CA PRO A 463 -20.11 -0.85 0.59
C PRO A 463 -19.70 0.23 1.58
N GLN A 464 -19.21 1.36 1.08
CA GLN A 464 -18.91 2.58 1.86
C GLN A 464 -19.64 3.81 1.22
N ALA A 465 -20.64 3.53 0.36
CA ALA A 465 -21.46 4.43 -0.42
C ALA A 465 -22.49 3.57 -1.16
N ALA A 466 -23.58 4.19 -1.67
CA ALA A 466 -24.52 3.46 -2.50
C ALA A 466 -23.81 3.10 -3.83
N ALA A 467 -24.19 1.98 -4.48
CA ALA A 467 -23.56 1.53 -5.74
C ALA A 467 -23.63 2.58 -6.85
N LYS A 468 -24.73 3.36 -6.87
CA LYS A 468 -24.94 4.43 -7.83
C LYS A 468 -23.91 5.56 -7.72
N GLU A 469 -23.14 5.64 -6.62
CA GLU A 469 -22.14 6.70 -6.44
C GLU A 469 -20.83 6.40 -7.18
N ALA A 470 -20.62 5.17 -7.66
CA ALA A 470 -19.43 4.80 -8.44
C ALA A 470 -19.24 5.75 -9.64
N ARG A 471 -18.03 6.27 -9.82
CA ARG A 471 -17.77 7.24 -10.87
C ARG A 471 -16.78 6.67 -11.86
N PRO A 472 -17.02 6.92 -13.16
CA PRO A 472 -16.03 6.51 -14.17
C PRO A 472 -15.04 7.65 -14.47
N GLN A 473 -13.83 7.29 -14.85
CA GLN A 473 -12.80 8.22 -15.29
C GLN A 473 -12.21 7.57 -16.55
N ALA A 474 -12.17 8.28 -17.68
CA ALA A 474 -11.73 7.71 -18.95
C ALA A 474 -10.27 7.28 -18.94
N GLU A 475 -9.42 8.10 -18.33
CA GLU A 475 -8.02 7.79 -18.27
C GLU A 475 -7.58 7.18 -16.93
N TYR A 476 -7.08 5.93 -16.99
CA TYR A 476 -6.45 5.30 -15.86
C TYR A 476 -5.10 6.02 -15.71
N GLN A 477 -4.71 6.36 -14.47
CA GLN A 477 -3.44 7.01 -14.27
C GLN A 477 -2.70 6.23 -13.19
N ASN A 478 -1.49 5.73 -13.49
CA ASN A 478 -0.71 4.96 -12.53
C ASN A 478 -0.08 5.91 -11.52
N ARG A 479 -0.90 6.47 -10.67
CA ARG A 479 -0.48 7.48 -9.70
C ARG A 479 -1.16 7.25 -8.33
N GLY A 480 -0.79 8.09 -7.36
CA GLY A 480 -1.39 8.00 -6.04
C GLY A 480 -2.87 8.25 -6.03
N THR A 481 -3.58 7.61 -5.10
CA THR A 481 -5.00 7.83 -4.81
C THR A 481 -5.20 9.35 -4.45
N GLU A 482 -4.18 9.92 -3.80
CA GLU A 482 -4.03 11.31 -3.49
C GLU A 482 -2.59 11.64 -3.86
N ASN A 483 -2.34 12.90 -4.19
CA ASN A 483 -0.97 13.38 -4.37
C ASN A 483 -0.82 14.64 -3.51
N ASP A 484 0.31 14.76 -2.83
CA ASP A 484 0.57 15.91 -2.01
C ASP A 484 2.01 16.37 -2.23
N MET A 485 2.23 17.67 -2.19
CA MET A 485 3.57 18.21 -2.36
C MET A 485 3.87 19.23 -1.28
N ILE A 486 5.09 19.20 -0.73
CA ILE A 486 5.50 20.19 0.26
C ILE A 486 6.81 20.82 -0.22
N VAL A 487 6.83 22.15 -0.29
CA VAL A 487 7.98 22.92 -0.75
C VAL A 487 8.50 23.76 0.42
N PHE A 488 9.73 23.48 0.84
CA PHE A 488 10.34 24.20 1.95
C PHE A 488 11.22 25.29 1.45
N SER A 489 11.13 26.44 2.11
CA SER A 489 11.90 27.65 1.86
C SER A 489 11.86 28.07 0.40
N PRO A 490 10.68 28.37 -0.14
CA PRO A 490 10.61 28.82 -1.54
C PRO A 490 11.24 30.22 -1.67
N THR A 491 11.99 30.46 -2.75
CA THR A 491 12.62 31.76 -2.97
C THR A 491 11.56 32.83 -3.26
N SER A 492 10.54 32.46 -4.02
CA SER A 492 9.44 33.37 -4.32
C SER A 492 8.43 33.35 -3.17
N GLY A 493 7.85 34.51 -2.88
CA GLY A 493 6.80 34.60 -1.86
C GLY A 493 7.22 34.80 -0.42
N ASN A 494 6.25 35.24 0.40
CA ASN A 494 6.44 35.54 1.81
C ASN A 494 5.92 34.45 2.75
N ARG A 495 6.25 33.18 2.43
CA ARG A 495 5.89 32.02 3.25
C ARG A 495 7.08 31.08 3.31
N PRO A 496 7.40 30.55 4.50
CA PRO A 496 8.57 29.65 4.60
C PRO A 496 8.31 28.22 4.10
N VAL A 497 7.04 27.86 3.93
CA VAL A 497 6.66 26.55 3.42
C VAL A 497 5.36 26.65 2.64
N LEU A 498 5.29 25.91 1.54
CA LEU A 498 4.10 25.85 0.69
C LEU A 498 3.69 24.38 0.55
N ALA A 499 2.39 24.09 0.60
CA ALA A 499 1.94 22.72 0.43
C ALA A 499 0.68 22.67 -0.37
N TRP A 500 0.52 21.58 -1.10
CA TRP A 500 -0.69 21.33 -1.89
C TRP A 500 -1.04 19.86 -1.80
N ASP A 501 -2.27 19.54 -2.11
CA ASP A 501 -2.73 18.17 -2.22
C ASP A 501 -3.99 18.11 -3.09
N VAL A 502 -4.51 16.91 -3.30
CA VAL A 502 -5.74 16.70 -4.04
C VAL A 502 -6.40 15.48 -3.39
N VAL A 503 -7.63 15.66 -2.92
CA VAL A 503 -8.38 14.63 -2.22
C VAL A 503 -9.67 14.48 -2.97
N ALA A 504 -9.68 13.56 -3.94
CA ALA A 504 -10.83 13.37 -4.82
C ALA A 504 -11.65 12.16 -4.40
N PRO A 505 -12.96 12.13 -4.70
CA PRO A 505 -13.78 13.16 -5.37
C PRO A 505 -13.86 14.49 -4.62
N GLY A 506 -13.81 14.44 -3.28
CA GLY A 506 -13.87 15.65 -2.47
C GLY A 506 -13.66 15.39 -0.99
N GLN A 507 -13.60 16.47 -0.21
CA GLN A 507 -13.40 16.40 1.24
C GLN A 507 -14.58 15.72 1.94
N SER A 508 -15.80 15.91 1.42
CA SER A 508 -16.98 15.35 2.02
C SER A 508 -17.59 14.18 1.24
N GLY A 509 -18.17 13.25 1.99
CA GLY A 509 -18.94 12.14 1.43
C GLY A 509 -20.41 12.28 1.78
N PHE A 510 -20.84 13.44 2.37
CA PHE A 510 -22.20 13.62 2.84
C PHE A 510 -23.25 13.80 1.76
N ILE A 511 -24.31 13.01 1.86
CA ILE A 511 -25.46 13.11 0.98
C ILE A 511 -26.64 13.19 1.93
N ALA A 512 -27.37 14.29 1.88
CA ALA A 512 -28.50 14.58 2.75
C ALA A 512 -29.65 13.60 2.53
N PRO A 513 -30.58 13.48 3.49
CA PRO A 513 -31.71 12.55 3.30
C PRO A 513 -32.51 12.73 2.01
N ASP A 514 -32.53 13.96 1.46
CA ASP A 514 -33.27 14.22 0.22
C ASP A 514 -32.42 13.98 -1.06
N GLY A 515 -31.20 13.47 -0.91
CA GLY A 515 -30.32 13.20 -2.04
C GLY A 515 -29.35 14.31 -2.39
N LYS A 516 -29.52 15.48 -1.77
CA LYS A 516 -28.62 16.60 -2.03
C LYS A 516 -27.19 16.30 -1.55
N LYS A 517 -26.23 16.33 -2.48
CA LYS A 517 -24.84 16.11 -2.15
C LYS A 517 -24.26 17.37 -1.56
N ASP A 518 -23.32 17.22 -0.63
CA ASP A 518 -22.64 18.36 -0.04
C ASP A 518 -21.87 19.13 -1.13
N LYS A 519 -21.62 20.44 -0.94
CA LYS A 519 -20.86 21.21 -1.93
C LYS A 519 -19.45 20.65 -2.15
N HIS A 520 -18.89 19.97 -1.14
CA HIS A 520 -17.56 19.39 -1.28
C HIS A 520 -17.58 17.88 -1.49
N TYR A 521 -18.66 17.36 -2.05
CA TYR A 521 -18.79 15.95 -2.37
C TYR A 521 -17.86 15.54 -3.54
N ASP A 522 -17.82 16.35 -4.62
CA ASP A 522 -16.97 16.00 -5.76
C ASP A 522 -16.31 17.20 -6.44
N ASP A 523 -15.99 18.25 -5.67
CA ASP A 523 -15.36 19.46 -6.21
C ASP A 523 -13.86 19.33 -6.45
N GLN A 524 -13.29 18.15 -6.24
CA GLN A 524 -11.89 17.90 -6.52
C GLN A 524 -11.70 16.82 -7.62
N LEU A 525 -12.77 16.16 -8.05
CA LEU A 525 -12.73 15.11 -9.05
C LEU A 525 -12.11 15.54 -10.40
N LYS A 526 -12.50 16.71 -10.95
CA LYS A 526 -11.90 17.19 -12.20
C LYS A 526 -10.47 17.68 -12.01
N MET A 527 -10.17 18.22 -10.83
CA MET A 527 -8.83 18.67 -10.47
C MET A 527 -7.86 17.49 -10.44
N TYR A 528 -8.32 16.34 -9.94
CA TYR A 528 -7.50 15.13 -9.90
C TYR A 528 -7.12 14.69 -11.34
N GLU A 529 -8.13 14.44 -12.17
CA GLU A 529 -7.97 13.97 -13.55
C GLU A 529 -7.02 14.84 -14.38
N SER A 530 -7.08 16.16 -14.18
CA SER A 530 -6.25 17.08 -14.95
C SER A 530 -4.92 17.42 -14.30
N PHE A 531 -4.45 16.60 -13.35
CA PHE A 531 -3.18 16.77 -12.65
C PHE A 531 -3.05 18.12 -11.89
N GLY A 532 -4.17 18.69 -11.53
CA GLY A 532 -4.22 19.91 -10.74
C GLY A 532 -4.07 19.63 -9.26
N ARG A 533 -4.04 20.70 -8.45
CA ARG A 533 -3.86 20.59 -7.01
C ARG A 533 -4.46 21.81 -6.31
N LYS A 534 -4.73 21.71 -5.00
CA LYS A 534 -5.28 22.83 -4.22
C LYS A 534 -4.29 23.13 -3.08
N SER A 535 -4.34 24.35 -2.56
CA SER A 535 -3.46 24.75 -1.49
C SER A 535 -3.82 24.17 -0.09
N LEU A 536 -2.80 23.78 0.67
CA LEU A 536 -2.96 23.32 2.06
C LEU A 536 -2.51 24.45 2.96
N TRP A 537 -3.41 24.89 3.84
CA TRP A 537 -3.09 25.98 4.76
C TRP A 537 -2.63 25.49 6.13
N LEU A 538 -1.67 26.20 6.75
CA LEU A 538 -1.17 25.88 8.09
C LEU A 538 -1.37 27.07 9.07
N THR A 539 -0.83 28.28 8.74
CA THR A 539 -0.89 29.44 9.63
C THR A 539 -2.28 29.95 9.83
N PRO A 540 -2.57 30.55 11.00
CA PRO A 540 -3.93 31.08 11.23
C PRO A 540 -4.32 32.19 10.26
N GLN A 541 -3.35 32.92 9.70
CA GLN A 541 -3.64 33.96 8.72
C GLN A 541 -4.15 33.30 7.43
N ASP A 542 -3.43 32.30 6.91
CA ASP A 542 -3.85 31.61 5.70
C ASP A 542 -5.17 30.92 5.86
N VAL A 543 -5.40 30.29 7.02
CA VAL A 543 -6.65 29.59 7.28
C VAL A 543 -7.80 30.58 7.36
N ASP A 544 -7.60 31.71 8.06
CA ASP A 544 -8.68 32.68 8.22
C ASP A 544 -9.00 33.44 6.93
N GLU A 545 -7.98 33.68 6.10
CA GLU A 545 -8.16 34.38 4.82
C GLU A 545 -9.01 33.51 3.88
N HIS A 546 -8.71 32.20 3.83
CA HIS A 546 -9.41 31.27 2.95
C HIS A 546 -10.53 30.51 3.58
N GLN A 547 -11.06 31.01 4.69
CA GLN A 547 -12.16 30.35 5.36
C GLN A 547 -13.46 30.46 4.59
N GLU A 548 -14.34 29.51 4.79
CA GLU A 548 -15.67 29.49 4.20
C GLU A 548 -16.73 29.41 5.34
N SER A 549 -16.38 28.78 6.45
CA SER A 549 -17.21 28.65 7.62
C SER A 549 -16.28 28.60 8.85
N GLN A 550 -16.85 28.97 9.99
CA GLN A 550 -16.17 29.02 11.28
C GLN A 550 -17.24 28.74 12.32
N GLU A 551 -16.99 27.77 13.20
CA GLU A 551 -17.95 27.46 14.27
C GLU A 551 -17.25 27.11 15.59
N VAL A 552 -17.97 27.24 16.71
CA VAL A 552 -17.42 26.84 17.98
C VAL A 552 -18.19 25.64 18.47
N LEU A 553 -17.49 24.77 19.16
CA LEU A 553 -18.10 23.58 19.73
C LEU A 553 -17.79 23.51 21.23
N GLN A 554 -18.80 23.19 22.02
CA GLN A 554 -18.64 23.00 23.45
C GLN A 554 -18.49 21.50 23.75
N VAL A 555 -17.28 21.08 24.12
CA VAL A 555 -16.94 19.70 24.44
C VAL A 555 -17.78 19.22 25.59
N GLN A 556 -18.46 18.09 25.44
CA GLN A 556 -19.37 17.59 26.47
C GLN A 556 -18.72 17.24 27.81
N LEU A 557 -17.44 16.85 27.81
CA LEU A 557 -16.77 16.42 29.03
C LEU A 557 -16.55 17.53 30.08
N ASP A 558 -15.93 18.62 29.67
CA ASP A 558 -15.58 19.70 30.57
C ASP A 558 -16.19 21.05 30.17
N GLN A 559 -17.14 21.08 29.22
CA GLN A 559 -17.70 22.32 28.68
C GLN A 559 -16.62 23.25 28.10
N GLY A 560 -15.47 22.70 27.75
CA GLY A 560 -14.39 23.44 27.11
C GLY A 560 -14.76 23.78 25.67
N GLU A 561 -13.90 24.57 25.02
CA GLU A 561 -14.23 25.01 23.66
C GLU A 561 -13.24 24.59 22.61
N VAL A 562 -13.79 24.30 21.43
CA VAL A 562 -13.01 23.98 20.24
C VAL A 562 -13.53 24.84 19.09
N LYS A 563 -12.61 25.44 18.33
CA LYS A 563 -12.99 26.22 17.16
C LYS A 563 -12.70 25.41 15.88
N ILE A 564 -13.69 25.27 15.04
CA ILE A 564 -13.57 24.58 13.78
C ILE A 564 -13.65 25.59 12.63
N VAL A 565 -12.59 25.71 11.84
CA VAL A 565 -12.61 26.56 10.66
C VAL A 565 -12.42 25.73 9.37
N ARG A 566 -13.39 25.74 8.45
CA ARG A 566 -13.28 25.02 7.17
C ARG A 566 -12.85 25.95 6.03
N ASP A 567 -11.90 25.50 5.17
CA ASP A 567 -11.39 26.32 4.09
C ASP A 567 -12.32 26.26 2.84
N GLU A 568 -11.89 26.80 1.67
CA GLU A 568 -12.76 26.83 0.47
C GLU A 568 -13.00 25.45 -0.17
N TYR A 569 -12.26 24.42 0.26
CA TYR A 569 -12.51 23.05 -0.18
C TYR A 569 -13.16 22.17 0.89
N GLY A 570 -13.66 22.79 1.96
CA GLY A 570 -14.30 22.09 3.07
C GLY A 570 -13.36 21.46 4.06
N MET A 571 -12.04 21.68 3.91
CA MET A 571 -11.05 21.07 4.82
C MET A 571 -11.10 21.72 6.22
N PRO A 572 -11.40 20.92 7.27
CA PRO A 572 -11.50 21.50 8.63
C PRO A 572 -10.17 21.70 9.34
N HIS A 573 -10.12 22.78 10.13
CA HIS A 573 -8.97 23.11 10.95
C HIS A 573 -9.48 23.20 12.38
N ILE A 574 -8.89 22.44 13.26
CA ILE A 574 -9.30 22.33 14.67
C ILE A 574 -8.40 23.14 15.55
N TYR A 575 -9.01 23.99 16.38
CA TYR A 575 -8.30 24.83 17.33
C TYR A 575 -8.80 24.48 18.74
N ALA A 576 -7.89 24.01 19.59
CA ALA A 576 -8.19 23.62 20.97
C ALA A 576 -6.93 23.69 21.83
N ASP A 577 -7.08 23.74 23.17
CA ASP A 577 -5.94 23.96 24.05
C ASP A 577 -5.43 22.71 24.82
N ASP A 578 -6.13 21.57 24.73
CA ASP A 578 -5.62 20.32 25.33
C ASP A 578 -5.82 19.15 24.37
N THR A 579 -5.04 18.07 24.56
CA THR A 579 -5.06 16.88 23.73
C THR A 579 -6.45 16.29 23.54
N TYR A 580 -7.20 16.16 24.64
CA TYR A 580 -8.55 15.59 24.54
C TYR A 580 -9.45 16.43 23.65
N ARG A 581 -9.44 17.77 23.85
CA ARG A 581 -10.29 18.69 23.09
C ARG A 581 -9.93 18.72 21.61
N LEU A 582 -8.63 18.69 21.30
CA LEU A 582 -8.14 18.70 19.94
C LEU A 582 -8.71 17.50 19.15
N PHE A 583 -8.47 16.29 19.65
CA PHE A 583 -8.96 15.07 19.03
C PHE A 583 -10.47 14.95 19.06
N TYR A 584 -11.14 15.69 19.95
CA TYR A 584 -12.60 15.70 20.00
C TYR A 584 -13.14 16.50 18.81
N GLY A 585 -12.47 17.60 18.46
CA GLY A 585 -12.88 18.41 17.33
C GLY A 585 -12.68 17.62 16.04
N TYR A 586 -11.54 16.91 15.93
CA TYR A 586 -11.17 16.02 14.82
C TYR A 586 -12.26 14.95 14.58
N GLY A 587 -12.60 14.18 15.60
CA GLY A 587 -13.64 13.16 15.48
C GLY A 587 -14.99 13.72 15.12
N TYR A 588 -15.26 14.96 15.54
CA TYR A 588 -16.54 15.58 15.28
C TYR A 588 -16.69 15.93 13.80
N VAL A 589 -15.64 16.47 13.20
CA VAL A 589 -15.68 16.88 11.81
C VAL A 589 -15.65 15.65 10.89
N VAL A 590 -14.97 14.57 11.31
CA VAL A 590 -14.94 13.28 10.60
C VAL A 590 -16.37 12.74 10.52
N ALA A 591 -17.12 12.81 11.62
CA ALA A 591 -18.51 12.35 11.65
C ALA A 591 -19.45 13.21 10.78
N GLN A 592 -19.13 14.49 10.62
CA GLN A 592 -19.94 15.37 9.77
C GLN A 592 -19.68 15.01 8.28
N ASP A 593 -18.42 14.80 7.92
CA ASP A 593 -18.02 14.55 6.53
C ASP A 593 -18.12 13.11 6.01
N ARG A 594 -17.71 12.11 6.83
CA ARG A 594 -17.54 10.71 6.42
C ARG A 594 -18.23 9.68 7.29
N LEU A 595 -19.35 10.03 7.92
CA LEU A 595 -20.04 9.12 8.84
C LEU A 595 -20.34 7.72 8.25
N PHE A 596 -21.02 7.68 7.08
CA PHE A 596 -21.34 6.38 6.50
C PHE A 596 -20.09 5.57 6.15
N GLN A 597 -19.06 6.23 5.58
CA GLN A 597 -17.82 5.54 5.26
C GLN A 597 -17.11 4.99 6.52
N MET A 598 -17.01 5.82 7.57
CA MET A 598 -16.32 5.43 8.81
C MET A 598 -17.07 4.36 9.55
N GLU A 599 -18.39 4.39 9.52
CA GLU A 599 -19.20 3.35 10.13
C GLU A 599 -18.97 2.02 9.39
N MET A 600 -18.90 2.07 8.02
CA MET A 600 -18.63 0.86 7.26
C MET A 600 -17.23 0.39 7.45
N ALA A 601 -16.26 1.30 7.62
CA ALA A 601 -14.88 0.89 7.90
C ALA A 601 -14.78 0.23 9.28
N ARG A 602 -15.62 0.67 10.24
CA ARG A 602 -15.64 0.15 11.59
C ARG A 602 -16.14 -1.30 11.52
N ARG A 603 -17.26 -1.52 10.82
CA ARG A 603 -17.81 -2.86 10.63
C ARG A 603 -16.89 -3.76 9.81
N SER A 604 -16.14 -3.19 8.85
CA SER A 604 -15.19 -3.96 8.03
C SER A 604 -14.01 -4.42 8.87
N THR A 605 -13.47 -3.52 9.71
CA THR A 605 -12.29 -3.83 10.53
C THR A 605 -12.59 -4.78 11.70
N GLN A 606 -13.84 -4.91 12.10
CA GLN A 606 -14.20 -5.80 13.21
C GLN A 606 -15.01 -7.05 12.77
N GLY A 607 -15.44 -7.09 11.51
CA GLY A 607 -16.18 -8.23 11.01
C GLY A 607 -17.62 -8.20 11.45
N THR A 608 -18.24 -7.03 11.40
CA THR A 608 -19.65 -6.90 11.79
C THR A 608 -20.51 -6.32 10.67
N VAL A 609 -20.12 -6.59 9.41
CA VAL A 609 -20.88 -6.16 8.23
C VAL A 609 -22.20 -6.95 8.07
N SER A 610 -22.17 -8.30 8.28
CA SER A 610 -23.37 -9.14 8.07
C SER A 610 -24.56 -8.74 8.90
N GLU A 611 -24.28 -8.25 10.11
CA GLU A 611 -25.21 -7.73 11.10
C GLU A 611 -26.19 -6.76 10.45
N VAL A 612 -25.71 -5.93 9.50
CA VAL A 612 -26.59 -4.99 8.84
C VAL A 612 -26.79 -5.27 7.36
N LEU A 613 -25.85 -5.95 6.69
CA LEU A 613 -26.00 -6.17 5.24
C LEU A 613 -26.39 -7.56 4.80
N GLY A 614 -26.39 -8.54 5.71
CA GLY A 614 -26.83 -9.89 5.37
C GLY A 614 -25.76 -10.93 5.09
N LYS A 615 -26.19 -12.12 4.63
CA LYS A 615 -25.37 -13.33 4.38
C LYS A 615 -24.21 -13.16 3.40
N ALA A 616 -24.27 -12.14 2.52
CA ALA A 616 -23.19 -11.92 1.54
C ALA A 616 -21.86 -11.68 2.22
N PHE A 617 -21.88 -11.08 3.43
CA PHE A 617 -20.62 -10.76 4.10
C PHE A 617 -20.20 -11.73 5.20
N VAL A 618 -20.78 -12.94 5.25
CA VAL A 618 -20.44 -13.88 6.33
C VAL A 618 -19.02 -14.41 6.25
N SER A 619 -18.55 -14.89 5.08
CA SER A 619 -17.16 -15.35 4.98
C SER A 619 -16.15 -14.20 5.21
N PHE A 620 -16.54 -12.96 4.84
CA PHE A 620 -15.68 -11.79 5.07
C PHE A 620 -15.59 -11.54 6.61
N ASP A 621 -16.73 -11.54 7.31
CA ASP A 621 -16.74 -11.29 8.76
C ASP A 621 -15.91 -12.30 9.53
N LYS A 622 -16.07 -13.59 9.15
CA LYS A 622 -15.35 -14.67 9.78
C LYS A 622 -13.85 -14.51 9.62
N ASP A 623 -13.41 -14.20 8.43
CA ASP A 623 -11.99 -14.05 8.15
C ASP A 623 -11.35 -12.85 8.89
N ILE A 624 -12.10 -11.76 9.08
CA ILE A 624 -11.59 -10.61 9.81
C ILE A 624 -11.41 -11.02 11.29
N ARG A 625 -12.44 -11.61 11.90
CA ARG A 625 -12.38 -12.05 13.29
C ARG A 625 -11.27 -13.05 13.52
N GLN A 626 -11.00 -13.91 12.54
CA GLN A 626 -9.92 -14.88 12.66
C GLN A 626 -8.55 -14.27 12.57
N ASN A 627 -8.43 -13.08 11.99
CA ASN A 627 -7.11 -12.49 11.74
C ASN A 627 -6.62 -11.51 12.85
N TYR A 628 -7.39 -11.33 13.94
CA TYR A 628 -6.93 -10.48 15.03
C TYR A 628 -7.35 -11.04 16.41
N TRP A 629 -6.81 -10.46 17.49
CA TRP A 629 -7.12 -10.89 18.84
C TRP A 629 -7.58 -9.66 19.62
N PRO A 630 -8.90 -9.48 19.77
CA PRO A 630 -9.40 -8.26 20.42
C PRO A 630 -8.81 -7.97 21.81
N ASP A 631 -8.59 -9.01 22.65
CA ASP A 631 -8.02 -8.79 23.97
C ASP A 631 -6.66 -8.13 23.92
N SER A 632 -5.87 -8.38 22.87
CA SER A 632 -4.56 -7.76 22.75
C SER A 632 -4.69 -6.27 22.49
N ILE A 633 -5.67 -5.87 21.66
CA ILE A 633 -5.87 -4.47 21.33
C ILE A 633 -6.41 -3.73 22.57
N ARG A 634 -7.39 -4.34 23.28
CA ARG A 634 -7.96 -3.75 24.50
C ARG A 634 -6.90 -3.61 25.60
N ALA A 635 -5.99 -4.58 25.73
CA ALA A 635 -4.89 -4.52 26.71
C ALA A 635 -3.91 -3.40 26.37
N GLN A 636 -3.66 -3.20 25.07
CA GLN A 636 -2.75 -2.15 24.60
C GLN A 636 -3.32 -0.76 24.90
N ILE A 637 -4.63 -0.62 24.79
CA ILE A 637 -5.30 0.63 25.05
C ILE A 637 -5.30 0.93 26.55
N ALA A 638 -5.70 -0.06 27.37
CA ALA A 638 -5.76 0.00 28.84
C ALA A 638 -4.43 0.35 29.48
N SER A 639 -3.32 0.00 28.83
CA SER A 639 -2.00 0.33 29.36
C SER A 639 -1.42 1.66 28.79
N LEU A 640 -2.26 2.48 28.10
CA LEU A 640 -1.77 3.75 27.55
C LEU A 640 -1.66 4.79 28.66
N SER A 641 -0.74 5.73 28.49
CA SER A 641 -0.62 6.89 29.39
C SER A 641 -1.89 7.73 29.24
N ALA A 642 -2.22 8.55 30.24
CA ALA A 642 -3.43 9.38 30.14
C ALA A 642 -3.43 10.25 28.86
N GLU A 643 -2.26 10.76 28.46
CA GLU A 643 -2.12 11.61 27.26
C GLU A 643 -2.46 10.82 25.99
N ASP A 644 -1.85 9.64 25.79
CA ASP A 644 -2.13 8.81 24.63
C ASP A 644 -3.56 8.33 24.60
N LYS A 645 -4.13 8.02 25.75
CA LYS A 645 -5.52 7.59 25.83
C LYS A 645 -6.50 8.73 25.46
N SER A 646 -6.19 9.99 25.83
CA SER A 646 -7.07 11.12 25.51
C SER A 646 -7.20 11.32 23.98
N ILE A 647 -6.17 10.97 23.19
CA ILE A 647 -6.23 11.03 21.72
C ILE A 647 -7.36 10.13 21.21
N LEU A 648 -7.42 8.86 21.67
CA LEU A 648 -8.46 7.93 21.25
C LEU A 648 -9.82 8.26 21.84
N GLN A 649 -9.85 8.64 23.14
CA GLN A 649 -11.10 8.95 23.80
C GLN A 649 -11.72 10.22 23.25
N GLY A 650 -10.91 11.27 23.07
CA GLY A 650 -11.39 12.52 22.50
C GLY A 650 -11.98 12.32 21.11
N TYR A 651 -11.26 11.58 20.26
CA TYR A 651 -11.71 11.29 18.90
C TYR A 651 -13.03 10.57 18.90
N ALA A 652 -13.15 9.51 19.73
CA ALA A 652 -14.40 8.75 19.80
C ALA A 652 -15.53 9.58 20.33
N ASP A 653 -15.28 10.38 21.38
CA ASP A 653 -16.33 11.21 21.97
C ASP A 653 -16.77 12.31 21.02
N GLY A 654 -15.82 12.87 20.26
CA GLY A 654 -16.12 13.86 19.23
C GLY A 654 -17.07 13.31 18.18
N MET A 655 -16.85 12.05 17.76
CA MET A 655 -17.75 11.43 16.77
C MET A 655 -19.15 11.29 17.35
N ASN A 656 -19.23 10.86 18.63
CA ASN A 656 -20.47 10.68 19.37
C ASN A 656 -21.22 11.97 19.57
N ALA A 657 -20.51 13.09 19.70
CA ALA A 657 -21.18 14.40 19.79
C ALA A 657 -21.95 14.69 18.48
N TRP A 658 -21.35 14.36 17.30
CA TRP A 658 -22.07 14.57 16.05
C TRP A 658 -23.13 13.50 15.81
N ILE A 659 -22.84 12.23 16.16
CA ILE A 659 -23.80 11.13 16.02
C ILE A 659 -25.07 11.40 16.80
N ASP A 660 -24.94 11.99 18.00
CA ASP A 660 -26.10 12.32 18.82
C ASP A 660 -26.98 13.36 18.10
N LYS A 661 -26.36 14.43 17.58
CA LYS A 661 -27.08 15.46 16.81
C LYS A 661 -27.77 14.85 15.58
N VAL A 662 -27.09 13.93 14.89
CA VAL A 662 -27.66 13.20 13.75
C VAL A 662 -28.91 12.42 14.19
N ASN A 663 -28.81 11.62 15.24
CA ASN A 663 -29.93 10.79 15.68
C ASN A 663 -31.08 11.60 16.35
N ALA A 664 -30.79 12.85 16.76
CA ALA A 664 -31.81 13.74 17.32
C ALA A 664 -32.72 14.25 16.19
N SER A 665 -32.15 14.53 15.01
CA SER A 665 -32.94 14.97 13.86
C SER A 665 -32.48 14.25 12.58
N PRO A 666 -32.84 12.96 12.44
CA PRO A 666 -32.39 12.21 11.26
C PRO A 666 -32.91 12.73 9.92
N ASP A 667 -34.15 13.26 9.92
CA ASP A 667 -34.76 13.76 8.69
C ASP A 667 -33.98 14.90 8.02
N LYS A 668 -33.03 15.52 8.73
CA LYS A 668 -32.21 16.57 8.13
C LYS A 668 -30.73 16.22 8.14
N LEU A 669 -30.26 15.35 9.06
CA LEU A 669 -28.82 15.11 9.21
C LEU A 669 -28.26 13.72 8.94
N LEU A 670 -29.12 12.69 8.87
CA LEU A 670 -28.70 11.31 8.65
C LEU A 670 -28.18 11.09 7.23
N PRO A 671 -26.89 10.72 7.05
CA PRO A 671 -26.41 10.41 5.68
C PRO A 671 -27.36 9.45 4.93
N GLN A 672 -27.75 9.78 3.69
CA GLN A 672 -28.73 9.03 2.91
C GLN A 672 -28.48 7.52 2.85
N GLN A 673 -27.21 7.11 2.85
CA GLN A 673 -26.82 5.71 2.77
C GLN A 673 -27.28 4.91 3.99
N PHE A 674 -27.47 5.57 5.16
CA PHE A 674 -28.00 4.86 6.32
C PHE A 674 -29.45 4.45 6.04
N SER A 675 -30.22 5.29 5.31
CA SER A 675 -31.60 4.97 4.91
C SER A 675 -31.65 3.89 3.81
N THR A 676 -30.72 3.98 2.84
CA THR A 676 -30.58 3.05 1.70
C THR A 676 -30.27 1.62 2.21
N PHE A 677 -29.39 1.51 3.22
CA PHE A 677 -29.00 0.20 3.75
C PHE A 677 -29.80 -0.24 5.00
N GLY A 678 -30.64 0.62 5.56
CA GLY A 678 -31.54 0.28 6.66
C GLY A 678 -31.02 0.11 8.07
N PHE A 679 -30.17 1.02 8.53
CA PHE A 679 -29.66 0.98 9.90
C PHE A 679 -29.23 2.38 10.38
N LYS A 680 -28.93 2.51 11.67
CA LYS A 680 -28.58 3.80 12.24
C LYS A 680 -27.19 3.78 12.84
N PRO A 681 -26.47 4.91 12.79
CA PRO A 681 -25.13 4.94 13.41
C PRO A 681 -25.24 4.89 14.94
N LYS A 682 -24.24 4.29 15.55
CA LYS A 682 -24.14 4.13 17.01
C LYS A 682 -22.78 4.66 17.51
N HIS A 683 -22.62 4.76 18.83
CA HIS A 683 -21.44 5.33 19.43
C HIS A 683 -20.17 4.54 19.21
N TRP A 684 -19.07 5.25 19.18
CA TRP A 684 -17.73 4.75 19.01
C TRP A 684 -16.98 4.74 20.36
N GLU A 685 -15.96 3.91 20.45
CA GLU A 685 -15.12 3.82 21.64
C GLU A 685 -13.67 3.90 21.20
N PRO A 686 -12.70 4.14 22.11
CA PRO A 686 -11.29 4.07 21.70
C PRO A 686 -10.91 2.77 20.96
N PHE A 687 -11.65 1.64 21.23
CA PHE A 687 -11.46 0.33 20.62
C PHE A 687 -11.76 0.45 19.10
N ASP A 688 -12.93 0.98 18.76
CA ASP A 688 -13.37 1.25 17.40
C ASP A 688 -12.35 2.09 16.64
N VAL A 689 -11.87 3.17 17.26
CA VAL A 689 -10.85 4.05 16.67
C VAL A 689 -9.56 3.32 16.42
N ALA A 690 -9.05 2.55 17.42
CA ALA A 690 -7.81 1.81 17.23
C ALA A 690 -7.95 0.73 16.08
N MET A 691 -9.13 0.09 16.00
CA MET A 691 -9.39 -0.97 15.04
C MET A 691 -9.49 -0.46 13.60
N ILE A 692 -9.85 0.83 13.37
CA ILE A 692 -9.81 1.42 12.02
C ILE A 692 -8.33 1.40 11.56
N PHE A 693 -7.40 1.77 12.44
CA PHE A 693 -5.97 1.74 12.10
C PHE A 693 -5.42 0.31 11.91
N VAL A 694 -5.74 -0.59 12.84
CA VAL A 694 -5.25 -1.96 12.78
C VAL A 694 -5.79 -2.67 11.52
N GLY A 695 -7.09 -2.55 11.28
CA GLY A 695 -7.72 -3.23 10.17
C GLY A 695 -7.36 -2.71 8.79
N THR A 696 -7.05 -1.39 8.69
CA THR A 696 -6.79 -0.81 7.37
C THR A 696 -5.35 -0.48 7.11
N MET A 697 -4.48 -0.50 8.12
CA MET A 697 -3.09 -0.19 7.93
C MET A 697 -2.24 -1.41 8.24
N ALA A 698 -2.35 -1.96 9.46
CA ALA A 698 -1.54 -3.11 9.83
C ALA A 698 -1.94 -4.33 8.98
N ASN A 699 -3.24 -4.62 8.86
CA ASN A 699 -3.69 -5.78 8.09
C ASN A 699 -3.55 -5.61 6.56
N ARG A 700 -3.71 -4.38 6.02
CA ARG A 700 -3.59 -4.20 4.58
C ARG A 700 -2.16 -4.10 4.08
N TRP A 701 -1.27 -3.44 4.84
CA TRP A 701 0.07 -3.21 4.35
C TRP A 701 1.19 -3.87 5.12
N SER A 702 0.90 -4.45 6.29
CA SER A 702 1.97 -5.04 7.10
C SER A 702 1.71 -6.47 7.50
N ASP A 703 0.74 -7.15 6.88
CA ASP A 703 0.41 -8.52 7.25
C ASP A 703 0.52 -9.48 6.05
N SER A 704 1.61 -9.39 5.28
CA SER A 704 1.72 -10.22 4.07
C SER A 704 2.74 -11.36 4.12
N THR A 705 2.21 -12.56 3.97
CA THR A 705 3.01 -13.76 3.92
C THR A 705 2.36 -14.80 3.00
N SER A 706 3.19 -15.60 2.37
CA SER A 706 2.73 -16.73 1.57
C SER A 706 3.61 -17.96 1.86
N GLU A 707 4.14 -18.11 3.11
CA GLU A 707 5.05 -19.20 3.47
C GLU A 707 4.49 -20.60 3.22
N ILE A 708 3.20 -20.85 3.51
CA ILE A 708 2.61 -22.16 3.30
C ILE A 708 2.55 -22.50 1.79
N ASP A 709 2.17 -21.50 0.94
CA ASP A 709 2.15 -21.64 -0.51
C ASP A 709 3.59 -21.83 -1.01
N ASN A 710 4.54 -21.08 -0.45
CA ASN A 710 5.96 -21.22 -0.77
C ASN A 710 6.45 -22.65 -0.50
N LEU A 711 6.00 -23.26 0.62
CA LEU A 711 6.36 -24.63 0.96
C LEU A 711 5.80 -25.60 -0.10
N ALA A 712 4.51 -25.43 -0.48
CA ALA A 712 3.87 -26.26 -1.51
C ALA A 712 4.62 -26.13 -2.85
N LEU A 713 5.01 -24.91 -3.24
CA LEU A 713 5.79 -24.70 -4.45
C LEU A 713 7.15 -25.45 -4.34
N LEU A 714 7.93 -25.19 -3.29
CA LEU A 714 9.24 -25.84 -3.09
C LEU A 714 9.12 -27.38 -3.10
N THR A 715 8.06 -27.92 -2.51
CA THR A 715 7.80 -29.36 -2.46
C THR A 715 7.59 -29.90 -3.89
N ALA A 716 6.83 -29.17 -4.72
CA ALA A 716 6.62 -29.54 -6.11
C ALA A 716 7.90 -29.38 -6.95
N LEU A 717 8.73 -28.38 -6.64
CA LEU A 717 9.98 -28.16 -7.37
C LEU A 717 10.99 -29.27 -7.09
N LYS A 718 11.02 -29.79 -5.87
CA LYS A 718 11.88 -30.90 -5.49
C LYS A 718 11.36 -32.21 -6.13
N ASP A 719 10.05 -32.34 -6.29
CA ASP A 719 9.43 -33.50 -6.92
C ASP A 719 9.79 -33.53 -8.43
N LYS A 720 9.84 -32.36 -9.08
CA LYS A 720 10.14 -32.25 -10.49
C LYS A 720 11.63 -32.30 -10.80
N TYR A 721 12.44 -31.49 -10.12
CA TYR A 721 13.86 -31.39 -10.40
C TYR A 721 14.78 -32.15 -9.50
N GLY A 722 14.25 -32.81 -8.47
CA GLY A 722 15.08 -33.48 -7.49
C GLY A 722 15.30 -32.57 -6.29
N LYS A 723 15.62 -33.15 -5.13
CA LYS A 723 15.83 -32.36 -3.91
C LYS A 723 16.83 -31.20 -4.06
N GLN A 724 17.99 -31.46 -4.69
CA GLN A 724 19.01 -30.41 -4.84
C GLN A 724 18.64 -29.31 -5.82
N GLN A 725 18.27 -29.67 -7.07
CA GLN A 725 17.93 -28.69 -8.10
C GLN A 725 16.61 -27.95 -7.81
N GLY A 726 15.67 -28.62 -7.15
CA GLY A 726 14.39 -28.01 -6.77
C GLY A 726 14.57 -26.81 -5.87
N MET A 727 15.51 -26.89 -4.90
CA MET A 727 15.79 -25.78 -4.01
C MET A 727 16.47 -24.62 -4.77
N ALA A 728 17.34 -24.94 -5.72
CA ALA A 728 18.02 -23.93 -6.53
C ALA A 728 17.05 -23.25 -7.53
N VAL A 729 15.97 -23.94 -7.94
CA VAL A 729 14.94 -23.32 -8.79
C VAL A 729 14.12 -22.38 -7.93
N PHE A 730 13.81 -22.78 -6.69
CA PHE A 730 13.12 -21.95 -5.69
C PHE A 730 13.89 -20.64 -5.50
N ASN A 731 15.23 -20.70 -5.46
CA ASN A 731 16.07 -19.51 -5.32
C ASN A 731 16.11 -18.63 -6.57
N GLN A 732 15.68 -19.14 -7.71
CA GLN A 732 15.63 -18.41 -8.97
C GLN A 732 14.24 -17.74 -9.15
N LEU A 733 13.16 -18.35 -8.65
CA LEU A 733 11.82 -17.76 -8.73
C LEU A 733 11.50 -16.84 -7.54
N LYS A 734 11.98 -17.22 -6.35
CA LYS A 734 11.71 -16.48 -5.14
C LYS A 734 12.99 -16.36 -4.35
N TRP A 735 13.91 -15.54 -4.86
CA TRP A 735 15.20 -15.29 -4.25
C TRP A 735 15.02 -14.55 -2.93
N LEU A 736 15.96 -14.74 -1.99
CA LEU A 736 15.86 -14.03 -0.70
C LEU A 736 16.31 -12.59 -0.90
N VAL A 737 17.43 -12.41 -1.60
CA VAL A 737 17.98 -11.11 -1.94
C VAL A 737 18.51 -11.12 -3.39
N ASN A 738 18.45 -9.97 -4.07
CA ASN A 738 18.94 -9.82 -5.42
C ASN A 738 19.78 -8.56 -5.40
N PRO A 739 21.12 -8.67 -5.49
CA PRO A 739 21.96 -7.47 -5.39
C PRO A 739 21.77 -6.44 -6.50
N SER A 740 21.24 -6.86 -7.67
CA SER A 740 21.00 -5.91 -8.76
C SER A 740 19.71 -5.08 -8.59
N ALA A 741 18.92 -5.32 -7.52
CA ALA A 741 17.70 -4.58 -7.27
C ALA A 741 17.94 -3.11 -7.10
N PRO A 742 17.23 -2.24 -7.83
CA PRO A 742 17.36 -0.79 -7.60
C PRO A 742 16.87 -0.46 -6.18
N THR A 743 17.70 0.26 -5.43
CA THR A 743 17.43 0.59 -4.03
C THR A 743 17.25 2.07 -3.75
N THR A 744 16.35 2.40 -2.80
CA THR A 744 16.07 3.78 -2.41
C THR A 744 17.32 4.44 -1.82
N ILE A 745 18.11 3.68 -1.06
CA ILE A 745 19.38 4.14 -0.50
C ILE A 745 20.47 3.60 -1.43
N ALA A 746 21.35 4.48 -1.93
CA ALA A 746 22.44 4.04 -2.83
C ALA A 746 23.36 3.04 -2.15
N ALA A 747 23.98 2.13 -2.92
CA ALA A 747 24.93 1.18 -2.34
C ALA A 747 26.16 1.89 -1.74
N ARG A 748 26.50 3.07 -2.29
CA ARG A 748 27.60 3.92 -1.83
C ARG A 748 27.35 4.36 -0.37
N GLU A 749 26.08 4.65 -0.01
CA GLU A 749 25.69 5.10 1.32
C GLU A 749 25.83 4.03 2.39
N SER A 750 25.33 2.83 2.12
CA SER A 750 25.31 1.73 3.07
C SER A 750 24.58 0.52 2.47
N ALA A 751 24.75 -0.64 3.09
CA ALA A 751 24.12 -1.90 2.70
C ALA A 751 23.59 -2.61 3.95
N TYR A 752 22.72 -3.63 3.80
CA TYR A 752 22.20 -4.37 4.94
C TYR A 752 23.31 -5.28 5.42
N PRO A 753 23.70 -5.17 6.69
CA PRO A 753 24.83 -5.98 7.19
C PRO A 753 24.51 -7.45 7.45
N LEU A 754 23.25 -7.72 7.80
CA LEU A 754 22.74 -9.03 8.13
C LEU A 754 22.71 -9.96 6.92
N LYS A 755 23.66 -10.90 6.82
CA LYS A 755 23.67 -11.88 5.75
C LYS A 755 22.96 -13.16 6.20
N PHE A 756 22.26 -13.84 5.29
CA PHE A 756 21.50 -15.04 5.66
C PHE A 756 22.20 -16.34 5.27
N ASP A 757 22.00 -17.39 6.09
CA ASP A 757 22.60 -18.71 5.89
C ASP A 757 21.82 -19.61 4.93
N LEU A 758 22.43 -19.93 3.79
CA LEU A 758 21.82 -20.79 2.78
C LEU A 758 21.88 -22.27 3.18
N GLN A 759 23.10 -22.80 3.48
CA GLN A 759 23.37 -24.19 3.85
C GLN A 759 22.80 -24.55 5.23
N ASN A 760 22.16 -25.72 5.34
CA ASN A 760 21.52 -26.20 6.57
C ASN A 760 20.50 -25.20 7.12
N THR A 761 19.22 -25.53 6.94
CA THR A 761 18.10 -24.69 7.34
C THR A 761 16.92 -25.56 7.87
N GLN A 762 15.75 -24.95 8.19
CA GLN A 762 14.59 -25.76 8.65
C GLN A 762 14.13 -26.77 7.59
N THR A 763 14.54 -26.59 6.31
CA THR A 763 14.25 -27.49 5.21
C THR A 763 15.53 -28.31 4.92
N ALA A 764 15.80 -29.30 5.79
CA ALA A 764 16.95 -30.19 5.71
C ALA A 764 16.66 -31.50 6.48
#